data_3VRL
#
_entry.id   3VRL
#
_cell.length_a   83.109
_cell.length_b   124.058
_cell.length_c   150.830
_cell.angle_alpha   90.00
_cell.angle_beta   90.00
_cell.angle_gamma   90.00
#
_symmetry.space_group_name_H-M   'P 21 21 21'
#
loop_
_entity.id
_entity.type
_entity.pdbx_description
1 polymer 'A10F9 Fab heavy chain'
2 polymer 'A10F9 Fab light chain'
3 polymer 'Gag protein'
#
loop_
_entity_poly.entity_id
_entity_poly.type
_entity_poly.pdbx_seq_one_letter_code
_entity_poly.pdbx_strand_id
1 'polypeptide(L)'
;DVKLVESGGGLVKPGGSLKLSCAASGFTFSSYTMSWVRQTPEKRLEWVAIISSGGSYTYYSDSVKGRFTISRDNAKNTLY
LQMSSLKSEDTAMYYCTRDEGNGNYVEAMDYWGQGTSVTVSSAKTTPPSVYPLAPGSAAQTNSMVTLGCLVKGYFPEPVT
VTWNSGSLSSGVHTFPAVLQSDLYTLSSSVTVPSSTWPSETVTCNVAHPASSTKVDKKIVPRDC
;
H,E
2 'polypeptide(L)'
;DIQMTQSPASLSASVGETVTITCRASGNIHNYLAWYQQKQGKSPQLLVYNAKTLADGVPSRFSGSGSGTQYSLKINSLQP
EDFGSYYCQHFWSTPRTFGGGTKLEIKRADAAPTVSIFPPSSEQLTSGGASVVCFLNNFYPKDINVKWKIDGSERQNGVL
NSWTDQDSKDSTYSMSSTLTLTKDEYERHNSYTCEATHKTSTSPIVKSFNRNEC
;
L,F
3 'polypeptide(L)'
;PIVQNLQGQMVHQPISPRTLNAWVKVIEEKGFSPEVIPMFTALSEGATPQDLNTMLNTVGGHQAAMQMLKDTINEEAAEW
DRLHPVQAGPVAPGQMRDPRGSDIAGTTSTLQEQIGWMTHNPPIPVGDIYKRWIILGLNKIVRMYSPVSILDIKQGPKES
FRDYVDRFFKTLRAEQCTQDVKNWMTDTLLVQNANPDCKTILRALGPGATLEEMMTACQGVGGPSHKARVL
;
C,D
#
# COMPACT_ATOMS: atom_id res chain seq x y z
N ASP A 1 1.06 -3.10 1.17
CA ASP A 1 0.67 -4.07 0.12
C ASP A 1 -0.60 -4.83 0.55
N VAL A 2 -1.76 -4.29 0.17
CA VAL A 2 -3.09 -4.82 0.53
C VAL A 2 -3.47 -6.12 -0.20
N LYS A 3 -3.88 -7.14 0.55
CA LYS A 3 -4.33 -8.42 -0.05
C LYS A 3 -5.64 -8.94 0.49
N LEU A 4 -6.42 -9.54 -0.40
CA LEU A 4 -7.61 -10.24 -0.02
C LEU A 4 -7.54 -11.61 -0.63
N VAL A 5 -7.70 -12.65 0.19
CA VAL A 5 -7.64 -14.02 -0.35
C VAL A 5 -8.85 -14.82 0.10
N GLU A 6 -9.72 -15.13 -0.86
CA GLU A 6 -10.94 -15.88 -0.60
C GLU A 6 -10.64 -17.35 -0.73
N SER A 7 -11.45 -18.16 -0.08
CA SER A 7 -11.46 -19.61 -0.29
C SER A 7 -12.72 -20.25 0.27
N GLY A 8 -12.88 -21.55 -0.03
CA GLY A 8 -14.06 -22.33 0.38
C GLY A 8 -15.05 -22.65 -0.72
N GLY A 9 -14.76 -22.19 -1.94
CA GLY A 9 -15.59 -22.51 -3.11
C GLY A 9 -15.74 -24.02 -3.25
N GLY A 10 -16.72 -24.47 -4.00
CA GLY A 10 -16.83 -25.89 -4.23
C GLY A 10 -18.14 -26.23 -4.86
N LEU A 11 -18.37 -27.53 -5.04
CA LEU A 11 -19.59 -28.05 -5.58
C LEU A 11 -20.55 -28.29 -4.41
N VAL A 12 -21.80 -27.85 -4.58
CA VAL A 12 -22.86 -28.03 -3.57
C VAL A 12 -24.20 -28.28 -4.24
N LYS A 13 -25.03 -29.12 -3.62
CA LYS A 13 -26.31 -29.50 -4.22
C LYS A 13 -27.32 -28.41 -3.97
N PRO A 14 -28.28 -28.24 -4.89
CA PRO A 14 -29.39 -27.34 -4.65
C PRO A 14 -29.97 -27.51 -3.26
N GLY A 15 -30.20 -26.40 -2.59
CA GLY A 15 -30.64 -26.39 -1.20
C GLY A 15 -29.60 -26.89 -0.20
N GLY A 16 -28.31 -26.82 -0.56
CA GLY A 16 -27.21 -27.16 0.34
C GLY A 16 -26.79 -25.94 1.14
N SER A 17 -25.53 -25.92 1.60
CA SER A 17 -24.95 -24.92 2.53
C SER A 17 -23.45 -24.86 2.26
N LEU A 18 -22.86 -23.66 2.25
CA LEU A 18 -21.41 -23.57 2.06
C LEU A 18 -20.97 -22.24 2.63
N LYS A 19 -19.73 -22.15 3.12
CA LYS A 19 -19.28 -20.94 3.81
C LYS A 19 -18.00 -20.37 3.23
N LEU A 20 -18.07 -19.23 2.57
CA LEU A 20 -16.87 -18.68 2.00
C LEU A 20 -16.17 -17.84 3.03
N SER A 21 -14.85 -17.74 2.93
CA SER A 21 -14.10 -16.76 3.74
C SER A 21 -12.96 -16.13 2.98
N CYS A 22 -12.39 -15.10 3.59
CA CYS A 22 -11.49 -14.19 2.94
C CYS A 22 -10.55 -13.73 4.00
N ALA A 23 -9.25 -13.98 3.83
CA ALA A 23 -8.26 -13.47 4.78
C ALA A 23 -7.68 -12.16 4.26
N ALA A 24 -7.83 -11.08 5.03
CA ALA A 24 -7.22 -9.79 4.71
C ALA A 24 -5.90 -9.61 5.44
N SER A 25 -4.88 -9.27 4.66
CA SER A 25 -3.59 -8.85 5.15
C SER A 25 -3.44 -7.47 4.54
N GLY A 26 -2.55 -6.66 5.09
CA GLY A 26 -2.15 -5.44 4.41
C GLY A 26 -2.58 -4.12 5.03
N PHE A 27 -3.66 -4.10 5.77
CA PHE A 27 -4.25 -2.86 6.22
C PHE A 27 -5.03 -3.15 7.47
N THR A 28 -5.41 -2.10 8.19
CA THR A 28 -6.23 -2.23 9.40
C THR A 28 -7.64 -2.68 9.03
N PHE A 29 -7.91 -3.95 9.26
CA PHE A 29 -9.15 -4.57 8.82
C PHE A 29 -10.38 -3.89 9.38
N SER A 30 -10.37 -3.62 10.68
CA SER A 30 -11.55 -3.17 11.37
C SER A 30 -11.77 -1.71 11.08
N SER A 31 -10.93 -1.15 10.22
CA SER A 31 -11.11 0.22 9.81
C SER A 31 -11.93 0.34 8.51
N TYR A 32 -12.31 -0.78 7.91
CA TYR A 32 -13.08 -0.69 6.67
C TYR A 32 -14.40 -1.41 6.61
N THR A 33 -15.25 -0.90 5.75
CA THR A 33 -16.49 -1.55 5.35
C THR A 33 -16.20 -2.63 4.29
N MET A 34 -16.83 -3.80 4.40
CA MET A 34 -16.53 -4.85 3.41
C MET A 34 -17.72 -5.51 2.67
N SER A 35 -17.46 -6.08 1.50
CA SER A 35 -18.52 -6.68 0.69
C SER A 35 -18.15 -8.02 0.12
N TRP A 36 -19.18 -8.72 -0.36
CA TRP A 36 -19.04 -9.90 -1.21
C TRP A 36 -19.73 -9.60 -2.54
N VAL A 37 -19.02 -9.86 -3.64
CA VAL A 37 -19.55 -9.58 -4.98
C VAL A 37 -19.39 -10.81 -5.86
N ARG A 38 -20.40 -11.16 -6.65
CA ARG A 38 -20.21 -12.35 -7.46
C ARG A 38 -20.21 -12.05 -8.96
N GLN A 39 -19.62 -12.97 -9.72
CA GLN A 39 -19.64 -12.91 -11.17
C GLN A 39 -20.13 -14.21 -11.74
N THR A 40 -21.23 -14.08 -12.45
CA THR A 40 -21.92 -15.11 -13.17
C THR A 40 -21.03 -15.82 -14.17
N PRO A 41 -21.39 -17.07 -14.48
CA PRO A 41 -20.87 -17.74 -15.65
C PRO A 41 -20.89 -16.81 -16.84
N GLU A 42 -21.97 -16.08 -17.06
CA GLU A 42 -21.99 -15.13 -18.16
C GLU A 42 -21.04 -13.96 -17.94
N LYS A 43 -20.81 -13.55 -16.71
CA LYS A 43 -19.86 -12.44 -16.43
C LYS A 43 -20.50 -11.11 -16.05
N ARG A 44 -21.80 -11.17 -15.75
CA ARG A 44 -22.56 -10.13 -15.08
C ARG A 44 -22.09 -10.15 -13.63
N LEU A 45 -21.65 -9.01 -13.11
CA LEU A 45 -21.28 -8.89 -11.70
C LEU A 45 -22.43 -8.35 -10.87
N GLU A 46 -22.67 -8.97 -9.73
CA GLU A 46 -23.76 -8.56 -8.86
C GLU A 46 -23.25 -8.47 -7.43
N TRP A 47 -23.36 -7.26 -6.88
CA TRP A 47 -23.12 -7.03 -5.46
C TRP A 47 -24.19 -7.78 -4.62
N VAL A 48 -23.73 -8.38 -3.54
CA VAL A 48 -24.53 -9.34 -2.79
C VAL A 48 -24.86 -8.90 -1.33
N ALA A 49 -23.84 -8.43 -0.61
CA ALA A 49 -23.90 -8.20 0.84
C ALA A 49 -22.76 -7.27 1.30
N ILE A 50 -23.06 -6.48 2.34
CA ILE A 50 -22.07 -5.57 2.90
C ILE A 50 -22.15 -5.61 4.41
N ILE A 51 -21.05 -5.18 5.06
CA ILE A 51 -20.88 -5.25 6.52
C ILE A 51 -20.11 -4.07 7.17
N SER A 52 -20.56 -3.70 8.38
CA SER A 52 -19.94 -2.61 9.15
C SER A 52 -18.50 -2.95 9.58
N SER A 53 -17.65 -1.94 9.77
CA SER A 53 -16.27 -2.24 10.15
C SER A 53 -16.34 -2.91 11.51
N GLY A 54 -17.27 -2.45 12.34
CA GLY A 54 -17.53 -3.10 13.63
C GLY A 54 -18.00 -4.53 13.50
N GLY A 55 -18.97 -4.77 12.63
CA GLY A 55 -19.45 -6.12 12.36
C GLY A 55 -20.91 -6.33 12.72
N SER A 56 -21.43 -5.54 13.65
CA SER A 56 -22.79 -5.80 14.13
C SER A 56 -23.90 -5.45 13.13
N TYR A 57 -23.52 -4.80 12.02
CA TYR A 57 -24.50 -4.37 11.01
C TYR A 57 -24.19 -4.87 9.62
N THR A 58 -25.23 -5.29 8.92
CA THR A 58 -25.13 -5.96 7.64
C THR A 58 -26.17 -5.44 6.68
N TYR A 59 -26.01 -5.76 5.40
CA TYR A 59 -27.07 -5.44 4.45
C TYR A 59 -26.94 -6.29 3.20
N TYR A 60 -28.08 -6.58 2.58
CA TYR A 60 -28.17 -7.61 1.54
C TYR A 60 -28.94 -7.20 0.30
N SER A 61 -28.43 -7.59 -0.87
CA SER A 61 -29.22 -7.50 -2.11
C SER A 61 -30.44 -8.41 -2.03
N ASP A 62 -31.57 -7.94 -2.55
CA ASP A 62 -32.80 -8.71 -2.51
C ASP A 62 -32.53 -10.13 -2.88
N SER A 63 -31.79 -10.29 -3.98
CA SER A 63 -31.41 -11.59 -4.55
C SER A 63 -30.74 -12.58 -3.61
N VAL A 64 -30.21 -12.14 -2.47
CA VAL A 64 -29.74 -13.12 -1.46
C VAL A 64 -30.39 -12.96 -0.07
N LYS A 65 -31.12 -11.85 0.16
CA LYS A 65 -31.60 -11.51 1.50
C LYS A 65 -32.17 -12.74 2.16
N GLY A 66 -31.94 -12.89 3.46
CA GLY A 66 -32.51 -14.03 4.19
C GLY A 66 -31.99 -15.40 3.80
N ARG A 67 -31.16 -15.48 2.75
CA ARG A 67 -30.50 -16.75 2.37
C ARG A 67 -29.02 -16.77 2.71
N PHE A 68 -28.43 -15.58 2.75
CA PHE A 68 -27.01 -15.47 2.91
C PHE A 68 -26.72 -14.69 4.17
N THR A 69 -25.58 -14.93 4.76
CA THR A 69 -25.24 -14.21 5.97
C THR A 69 -23.80 -13.78 5.89
N ILE A 70 -23.57 -12.47 6.01
CA ILE A 70 -22.21 -11.90 6.00
C ILE A 70 -21.76 -11.65 7.43
N SER A 71 -20.47 -11.85 7.69
CA SER A 71 -19.91 -11.75 9.03
C SER A 71 -18.39 -11.54 8.94
N ARG A 72 -17.79 -11.16 10.06
CA ARG A 72 -16.34 -10.93 10.10
C ARG A 72 -15.82 -11.25 11.48
N ASP A 73 -14.61 -11.80 11.53
CA ASP A 73 -13.88 -11.95 12.77
C ASP A 73 -12.75 -10.97 12.60
N ASN A 74 -12.84 -9.85 13.31
CA ASN A 74 -11.90 -8.73 13.10
C ASN A 74 -10.55 -9.09 13.63
N ALA A 75 -10.56 -9.83 14.73
CA ALA A 75 -9.35 -10.35 15.33
C ALA A 75 -8.69 -11.39 14.42
N LYS A 76 -9.49 -12.11 13.64
CA LYS A 76 -8.91 -13.13 12.78
C LYS A 76 -8.64 -12.53 11.41
N ASN A 77 -8.74 -11.21 11.33
CA ASN A 77 -8.64 -10.48 10.06
C ASN A 77 -9.37 -11.21 8.92
N THR A 78 -10.53 -11.77 9.26
CA THR A 78 -11.30 -12.55 8.28
C THR A 78 -12.73 -12.04 8.08
N LEU A 79 -13.17 -12.11 6.83
CA LEU A 79 -14.55 -11.85 6.40
C LEU A 79 -15.14 -13.19 5.96
N TYR A 80 -16.42 -13.42 6.27
CA TYR A 80 -17.09 -14.67 5.91
C TYR A 80 -18.32 -14.42 5.04
N LEU A 81 -18.72 -15.42 4.28
CA LEU A 81 -20.05 -15.44 3.72
C LEU A 81 -20.69 -16.81 3.97
N GLN A 82 -21.77 -16.81 4.73
CA GLN A 82 -22.49 -18.03 4.94
C GLN A 82 -23.61 -18.08 3.90
N MET A 83 -23.56 -19.08 3.02
CA MET A 83 -24.64 -19.35 2.08
C MET A 83 -25.54 -20.51 2.57
N SER A 84 -26.86 -20.33 2.49
CA SER A 84 -27.80 -21.43 2.66
C SER A 84 -28.86 -21.39 1.55
N SER A 85 -29.63 -22.49 1.41
CA SER A 85 -30.71 -22.61 0.41
C SER A 85 -30.21 -22.28 -0.95
N LEU A 86 -29.19 -23.00 -1.42
CA LEU A 86 -28.54 -22.67 -2.71
C LEU A 86 -29.38 -22.99 -3.99
N LYS A 87 -29.58 -21.96 -4.80
CA LYS A 87 -30.24 -22.03 -6.09
C LYS A 87 -29.09 -22.42 -7.02
N SER A 88 -29.41 -23.17 -8.08
CA SER A 88 -28.43 -23.36 -9.17
C SER A 88 -27.92 -22.00 -9.62
N GLU A 89 -28.83 -21.03 -9.56
CA GLU A 89 -28.60 -19.66 -9.99
C GLU A 89 -27.50 -18.96 -9.20
N ASP A 90 -27.08 -19.52 -8.08
CA ASP A 90 -26.01 -18.94 -7.27
C ASP A 90 -24.62 -19.29 -7.77
N THR A 91 -24.55 -20.06 -8.87
CA THR A 91 -23.27 -20.50 -9.45
C THR A 91 -22.52 -19.30 -10.03
N ALA A 92 -21.41 -18.98 -9.36
CA ALA A 92 -20.65 -17.78 -9.63
C ALA A 92 -19.22 -17.88 -9.07
N MET A 93 -18.40 -16.89 -9.43
CA MET A 93 -17.15 -16.64 -8.75
C MET A 93 -17.46 -15.65 -7.68
N TYR A 94 -17.10 -15.95 -6.44
CA TYR A 94 -17.43 -15.02 -5.37
C TYR A 94 -16.23 -14.18 -5.01
N TYR A 95 -16.40 -12.87 -5.09
CA TYR A 95 -15.33 -11.94 -4.79
C TYR A 95 -15.56 -11.22 -3.47
N CYS A 96 -14.50 -11.23 -2.66
CA CYS A 96 -14.35 -10.44 -1.42
C CYS A 96 -13.81 -9.06 -1.79
N THR A 97 -14.28 -8.00 -1.13
CA THR A 97 -14.11 -6.66 -1.65
C THR A 97 -14.03 -5.58 -0.57
N ARG A 98 -13.12 -4.63 -0.71
CA ARG A 98 -12.99 -3.55 0.29
C ARG A 98 -13.54 -2.20 -0.17
N ASP A 99 -14.33 -1.57 0.68
CA ASP A 99 -14.82 -0.23 0.44
C ASP A 99 -13.71 0.76 0.75
N GLU A 100 -13.47 1.70 -0.17
CA GLU A 100 -12.40 2.69 -0.07
C GLU A 100 -12.59 3.64 1.12
N GLY A 101 -11.48 4.17 1.62
CA GLY A 101 -11.48 4.84 2.95
C GLY A 101 -11.78 6.32 3.08
N ASN A 102 -11.98 6.97 1.94
CA ASN A 102 -11.68 8.36 1.83
C ASN A 102 -12.81 9.27 1.50
N GLY A 103 -13.88 8.77 0.91
CA GLY A 103 -14.99 9.63 0.52
C GLY A 103 -15.95 9.77 1.68
N ASN A 104 -16.74 10.84 1.72
CA ASN A 104 -17.74 10.96 2.79
C ASN A 104 -18.66 9.78 2.81
N TYR A 105 -19.27 9.50 1.67
CA TYR A 105 -19.81 8.16 1.41
C TYR A 105 -18.77 7.25 0.69
N VAL A 106 -19.01 5.95 0.61
CA VAL A 106 -18.10 5.07 -0.11
C VAL A 106 -18.14 5.45 -1.56
N GLU A 107 -16.99 5.71 -2.16
CA GLU A 107 -16.99 6.15 -3.55
C GLU A 107 -16.39 5.14 -4.53
N ALA A 108 -15.88 4.03 -4.01
CA ALA A 108 -15.44 2.91 -4.83
C ALA A 108 -15.15 1.66 -3.99
N MET A 109 -15.07 0.51 -4.64
CA MET A 109 -14.52 -0.65 -3.98
C MET A 109 -13.07 -0.77 -4.42
N ASP A 110 -12.30 0.09 -3.78
CA ASP A 110 -10.91 -0.07 -3.52
C ASP A 110 -10.19 -1.28 -4.10
N TYR A 111 -10.46 -2.43 -3.48
CA TYR A 111 -9.73 -3.68 -3.74
C TYR A 111 -10.63 -4.88 -3.84
N TRP A 112 -10.17 -5.88 -4.59
CA TRP A 112 -10.90 -7.14 -4.72
C TRP A 112 -10.01 -8.32 -4.41
N GLY A 113 -10.63 -9.44 -4.09
CA GLY A 113 -9.91 -10.67 -3.93
C GLY A 113 -9.60 -11.15 -5.32
N GLN A 114 -9.39 -12.45 -5.46
CA GLN A 114 -9.15 -13.10 -6.75
C GLN A 114 -10.33 -14.00 -7.04
N GLY A 115 -11.01 -14.41 -5.97
CA GLY A 115 -12.32 -15.08 -6.01
C GLY A 115 -12.27 -16.58 -5.82
N THR A 116 -13.27 -17.18 -5.19
CA THR A 116 -13.37 -18.63 -5.29
C THR A 116 -14.61 -18.95 -6.08
N SER A 117 -14.56 -20.04 -6.85
CA SER A 117 -15.75 -20.50 -7.57
C SER A 117 -16.69 -21.39 -6.74
N VAL A 118 -17.98 -21.09 -6.83
CA VAL A 118 -19.01 -21.95 -6.28
C VAL A 118 -19.87 -22.42 -7.43
N THR A 119 -20.00 -23.74 -7.57
CA THR A 119 -21.00 -24.31 -8.46
C THR A 119 -22.07 -24.99 -7.60
N VAL A 120 -23.31 -24.56 -7.76
CA VAL A 120 -24.45 -25.26 -7.20
C VAL A 120 -25.13 -26.05 -8.32
N SER A 121 -25.08 -27.38 -8.24
CA SER A 121 -25.87 -28.22 -9.13
C SER A 121 -26.11 -29.55 -8.49
N SER A 122 -26.98 -30.35 -9.08
CA SER A 122 -27.31 -31.62 -8.49
C SER A 122 -26.45 -32.74 -9.11
N ALA A 123 -26.03 -32.50 -10.35
CA ALA A 123 -25.18 -33.40 -11.14
C ALA A 123 -24.04 -33.95 -10.34
N LYS A 124 -23.91 -35.27 -10.35
CA LYS A 124 -22.92 -35.98 -9.56
C LYS A 124 -21.50 -35.86 -10.15
N THR A 125 -20.50 -35.85 -9.26
CA THR A 125 -19.08 -35.84 -9.63
C THR A 125 -18.75 -36.99 -10.55
N THR A 126 -17.95 -36.72 -11.59
CA THR A 126 -17.55 -37.76 -12.54
C THR A 126 -16.13 -37.61 -13.08
N PRO A 127 -15.38 -38.72 -13.13
CA PRO A 127 -14.10 -38.74 -13.81
C PRO A 127 -14.30 -38.67 -15.32
N PRO A 128 -13.38 -37.99 -16.02
CA PRO A 128 -13.44 -37.88 -17.46
C PRO A 128 -12.95 -39.14 -18.17
N SER A 129 -13.20 -39.23 -19.46
CA SER A 129 -12.45 -40.15 -20.31
C SER A 129 -11.65 -39.35 -21.34
N VAL A 130 -10.35 -39.63 -21.39
CA VAL A 130 -9.49 -39.00 -22.36
C VAL A 130 -9.36 -39.90 -23.57
N TYR A 131 -9.71 -39.40 -24.73
CA TYR A 131 -9.47 -40.16 -25.94
C TYR A 131 -8.54 -39.34 -26.83
N PRO A 132 -7.56 -39.99 -27.50
CA PRO A 132 -6.64 -39.28 -28.38
C PRO A 132 -7.30 -38.88 -29.68
N LEU A 133 -6.81 -37.80 -30.26
CA LEU A 133 -7.26 -37.39 -31.60
C LEU A 133 -6.08 -37.38 -32.56
N ALA A 134 -5.80 -38.54 -33.15
CA ALA A 134 -4.75 -38.74 -34.15
C ALA A 134 -5.35 -38.47 -35.52
N PRO A 135 -4.60 -37.81 -36.42
CA PRO A 135 -5.13 -37.55 -37.77
C PRO A 135 -5.02 -38.77 -38.69
N GLY A 136 -6.05 -39.63 -38.68
CA GLY A 136 -6.00 -40.93 -39.37
C GLY A 136 -5.69 -40.91 -40.86
N SER A 137 -4.72 -41.74 -41.29
CA SER A 137 -4.48 -42.14 -42.71
C SER A 137 -5.02 -41.26 -43.89
N ALA A 138 -4.32 -40.14 -44.16
CA ALA A 138 -4.76 -39.00 -45.05
C ALA A 138 -4.19 -37.64 -44.55
N ALA A 139 -4.28 -36.59 -45.38
CA ALA A 139 -3.79 -35.22 -45.05
C ALA A 139 -2.30 -35.16 -44.59
N GLN A 140 -1.97 -34.20 -43.71
CA GLN A 140 -0.67 -34.16 -42.98
C GLN A 140 0.56 -33.44 -43.61
N THR A 141 0.68 -33.53 -44.95
CA THR A 141 1.80 -33.00 -45.76
C THR A 141 2.48 -31.72 -45.27
N ASN A 142 1.68 -30.76 -44.80
CA ASN A 142 2.13 -29.45 -44.29
C ASN A 142 3.26 -29.54 -43.25
N SER A 143 4.06 -28.48 -43.18
CA SER A 143 5.20 -28.44 -42.28
C SER A 143 4.76 -28.66 -40.84
N MET A 144 3.76 -27.90 -40.42
CA MET A 144 3.15 -28.08 -39.10
C MET A 144 2.03 -29.13 -39.19
N VAL A 145 1.82 -29.86 -38.09
CA VAL A 145 0.72 -30.84 -38.01
C VAL A 145 0.03 -30.76 -36.68
N THR A 146 -1.30 -30.80 -36.72
CA THR A 146 -2.10 -30.64 -35.51
C THR A 146 -2.57 -31.96 -34.93
N LEU A 147 -2.36 -32.14 -33.63
CA LEU A 147 -2.95 -33.26 -32.94
C LEU A 147 -3.76 -32.74 -31.79
N GLY A 148 -4.55 -33.62 -31.19
CA GLY A 148 -5.31 -33.20 -30.04
C GLY A 148 -5.76 -34.39 -29.24
N CYS A 149 -6.38 -34.11 -28.09
CA CYS A 149 -7.08 -35.13 -27.31
C CYS A 149 -8.30 -34.55 -26.59
N LEU A 150 -9.35 -35.36 -26.54
CA LEU A 150 -10.66 -34.98 -26.00
C LEU A 150 -10.99 -35.64 -24.65
N VAL A 151 -11.41 -34.79 -23.72
CA VAL A 151 -11.61 -35.09 -22.32
C VAL A 151 -13.11 -35.14 -22.09
N LYS A 152 -13.69 -36.35 -22.00
CA LYS A 152 -15.15 -36.49 -22.09
C LYS A 152 -15.89 -37.07 -20.87
N GLY A 153 -17.04 -36.46 -20.60
CA GLY A 153 -17.98 -36.89 -19.56
C GLY A 153 -17.51 -36.78 -18.12
N TYR A 154 -17.21 -35.56 -17.68
CA TYR A 154 -16.76 -35.31 -16.30
C TYR A 154 -17.53 -34.20 -15.61
N PHE A 155 -17.41 -34.16 -14.29
CA PHE A 155 -18.07 -33.16 -13.48
C PHE A 155 -17.43 -33.14 -12.10
N PRO A 156 -17.25 -31.96 -11.50
CA PRO A 156 -17.48 -30.65 -12.06
C PRO A 156 -16.21 -30.13 -12.71
N GLU A 157 -16.26 -28.88 -13.17
CA GLU A 157 -15.09 -28.13 -13.51
C GLU A 157 -14.21 -27.94 -12.27
N PRO A 158 -12.90 -27.72 -12.46
CA PRO A 158 -12.24 -27.62 -13.74
C PRO A 158 -11.49 -28.89 -14.07
N VAL A 159 -10.92 -28.91 -15.26
CA VAL A 159 -9.97 -29.92 -15.70
C VAL A 159 -8.71 -29.14 -16.08
N THR A 160 -7.57 -29.81 -16.10
CA THR A 160 -6.34 -29.16 -16.53
C THR A 160 -5.66 -30.00 -17.58
N VAL A 161 -5.58 -29.47 -18.80
CA VAL A 161 -4.89 -30.22 -19.84
C VAL A 161 -3.50 -29.66 -20.07
N THR A 162 -2.55 -30.57 -20.30
CA THR A 162 -1.19 -30.18 -20.61
C THR A 162 -0.58 -31.11 -21.64
N TRP A 163 0.25 -30.57 -22.51
CA TRP A 163 0.97 -31.40 -23.48
C TRP A 163 2.43 -31.57 -23.11
N ASN A 164 2.89 -32.84 -23.19
CA ASN A 164 4.18 -33.27 -22.68
C ASN A 164 4.57 -32.45 -21.46
N SER A 165 3.91 -32.73 -20.35
CA SER A 165 4.23 -32.17 -19.03
C SER A 165 4.49 -30.65 -19.02
N GLY A 166 4.00 -29.96 -20.05
CA GLY A 166 3.98 -28.50 -20.09
C GLY A 166 5.03 -27.95 -21.03
N SER A 167 5.94 -28.82 -21.45
CA SER A 167 7.09 -28.43 -22.25
C SER A 167 6.68 -28.20 -23.70
N LEU A 168 5.41 -27.95 -23.92
CA LEU A 168 4.90 -27.61 -25.23
C LEU A 168 3.73 -26.64 -25.05
N SER A 169 3.96 -25.52 -24.39
CA SER A 169 2.89 -24.55 -24.11
C SER A 169 2.42 -23.86 -25.38
N SER A 170 3.18 -22.89 -25.88
CA SER A 170 2.86 -22.15 -27.12
C SER A 170 2.51 -23.10 -28.25
N GLY A 171 1.43 -22.79 -28.96
CA GLY A 171 0.93 -23.68 -30.01
C GLY A 171 -0.11 -24.67 -29.50
N VAL A 172 -0.57 -24.46 -28.25
CA VAL A 172 -1.66 -25.25 -27.64
C VAL A 172 -2.91 -24.42 -27.59
N HIS A 173 -4.06 -25.09 -27.68
CA HIS A 173 -5.36 -24.46 -27.50
C HIS A 173 -6.25 -25.40 -26.75
N THR A 174 -6.52 -25.08 -25.49
CA THR A 174 -7.53 -25.82 -24.78
C THR A 174 -8.86 -25.06 -24.78
N PHE A 175 -9.86 -25.70 -25.37
CA PHE A 175 -11.20 -25.15 -25.56
C PHE A 175 -12.10 -25.15 -24.31
N PRO A 176 -12.85 -24.04 -24.13
CA PRO A 176 -13.78 -23.95 -23.01
C PRO A 176 -14.67 -25.17 -23.05
N ALA A 177 -14.94 -25.75 -21.87
CA ALA A 177 -15.71 -27.00 -21.77
C ALA A 177 -17.16 -26.83 -22.23
N VAL A 178 -17.83 -27.91 -22.59
CA VAL A 178 -19.26 -27.82 -22.90
C VAL A 178 -20.16 -28.82 -22.14
N LEU A 179 -21.09 -28.26 -21.36
CA LEU A 179 -22.07 -29.02 -20.59
C LEU A 179 -23.05 -29.66 -21.54
N GLN A 180 -23.14 -30.99 -21.45
CA GLN A 180 -23.79 -31.89 -22.41
C GLN A 180 -24.61 -32.75 -21.50
N SER A 181 -25.72 -32.14 -21.07
CA SER A 181 -26.65 -32.67 -20.06
C SER A 181 -25.99 -33.58 -18.98
N ASP A 182 -25.82 -32.96 -17.81
CA ASP A 182 -25.23 -33.60 -16.63
C ASP A 182 -23.70 -33.82 -16.71
N LEU A 183 -23.08 -33.55 -17.87
CA LEU A 183 -21.64 -33.87 -18.08
C LEU A 183 -20.87 -32.89 -18.97
N TYR A 184 -19.60 -32.65 -18.64
CA TYR A 184 -18.71 -31.79 -19.44
C TYR A 184 -17.86 -32.51 -20.49
N THR A 185 -17.56 -31.79 -21.56
CA THR A 185 -16.66 -32.33 -22.59
C THR A 185 -15.80 -31.21 -23.07
N LEU A 186 -14.48 -31.36 -22.99
CA LEU A 186 -13.59 -30.40 -23.60
C LEU A 186 -12.58 -31.10 -24.43
N SER A 187 -12.06 -30.39 -25.42
CA SER A 187 -11.00 -30.89 -26.30
C SER A 187 -9.85 -29.92 -26.23
N SER A 188 -8.66 -30.37 -26.63
CA SER A 188 -7.48 -29.52 -26.64
C SER A 188 -6.60 -29.89 -27.81
N SER A 189 -5.86 -28.92 -28.32
CA SER A 189 -5.05 -29.17 -29.53
C SER A 189 -3.64 -28.61 -29.47
N VAL A 190 -2.68 -29.44 -29.88
CA VAL A 190 -1.30 -29.02 -30.10
C VAL A 190 -1.01 -29.03 -31.59
N THR A 191 -0.01 -28.24 -31.99
CA THR A 191 0.50 -28.28 -33.36
C THR A 191 2.01 -28.37 -33.26
N VAL A 192 2.61 -29.22 -34.10
CA VAL A 192 4.03 -29.54 -34.03
C VAL A 192 4.48 -29.72 -35.48
N PRO A 193 5.74 -29.31 -35.81
CA PRO A 193 6.26 -29.61 -37.17
C PRO A 193 6.21 -31.12 -37.47
N SER A 194 5.57 -31.52 -38.57
CA SER A 194 5.19 -32.94 -38.77
C SER A 194 6.33 -33.94 -38.98
N SER A 195 7.52 -33.40 -39.26
CA SER A 195 8.76 -34.17 -39.33
C SER A 195 9.21 -34.62 -37.93
N THR A 196 8.53 -34.10 -36.91
CA THR A 196 8.79 -34.46 -35.53
C THR A 196 7.48 -34.82 -34.84
N TRP A 197 6.53 -35.31 -35.65
CA TRP A 197 5.47 -36.16 -35.13
C TRP A 197 6.07 -37.59 -35.17
N PRO A 198 5.35 -38.61 -35.68
CA PRO A 198 5.30 -39.88 -34.93
C PRO A 198 6.54 -40.10 -34.03
N SER A 199 7.72 -40.17 -34.65
CA SER A 199 9.03 -40.35 -33.98
C SER A 199 9.45 -39.29 -32.95
N GLU A 200 8.49 -38.48 -32.52
CA GLU A 200 8.64 -37.78 -31.26
C GLU A 200 7.33 -37.83 -30.49
N THR A 201 7.40 -38.57 -29.39
CA THR A 201 6.29 -38.76 -28.49
C THR A 201 5.63 -37.42 -28.19
N VAL A 202 4.31 -37.42 -28.34
CA VAL A 202 3.48 -36.30 -27.97
C VAL A 202 2.34 -36.85 -27.09
N THR A 203 2.36 -36.50 -25.81
CA THR A 203 1.45 -37.07 -24.84
C THR A 203 0.73 -35.94 -24.18
N CYS A 204 -0.57 -36.10 -23.91
CA CYS A 204 -1.23 -35.07 -23.12
C CYS A 204 -1.46 -35.55 -21.71
N ASN A 205 -1.58 -34.60 -20.79
CA ASN A 205 -1.80 -34.89 -19.38
C ASN A 205 -3.04 -34.18 -18.91
N VAL A 206 -4.01 -35.01 -18.51
CA VAL A 206 -5.31 -34.51 -18.07
C VAL A 206 -5.52 -34.71 -16.57
N ALA A 207 -5.74 -33.60 -15.88
CA ALA A 207 -5.86 -33.56 -14.45
C ALA A 207 -7.29 -33.21 -14.03
N HIS A 208 -7.97 -34.14 -13.36
CA HIS A 208 -9.28 -33.82 -12.79
C HIS A 208 -9.28 -33.93 -11.27
N PRO A 209 -8.93 -32.83 -10.59
CA PRO A 209 -8.66 -32.80 -9.15
C PRO A 209 -9.90 -33.24 -8.37
N ALA A 210 -11.04 -32.72 -8.79
CA ALA A 210 -12.31 -32.99 -8.16
C ALA A 210 -12.61 -34.49 -7.99
N SER A 211 -11.93 -35.37 -8.74
CA SER A 211 -12.13 -36.81 -8.58
C SER A 211 -10.83 -37.61 -8.57
N SER A 212 -9.73 -36.94 -8.24
CA SER A 212 -8.39 -37.56 -8.14
C SER A 212 -8.07 -38.37 -9.39
N THR A 213 -8.05 -37.71 -10.53
CA THR A 213 -7.72 -38.34 -11.79
C THR A 213 -6.55 -37.59 -12.36
N LYS A 214 -5.49 -38.33 -12.64
CA LYS A 214 -4.39 -37.92 -13.54
C LYS A 214 -4.38 -38.95 -14.66
N VAL A 215 -4.37 -38.48 -15.91
CA VAL A 215 -4.36 -39.38 -17.06
C VAL A 215 -3.40 -38.85 -18.14
N ASP A 216 -2.71 -39.76 -18.81
CA ASP A 216 -1.85 -39.39 -19.93
C ASP A 216 -2.25 -40.16 -21.18
N LYS A 217 -2.04 -39.57 -22.36
CA LYS A 217 -2.31 -40.31 -23.59
C LYS A 217 -1.27 -40.12 -24.66
N LYS A 218 -0.51 -41.19 -24.95
CA LYS A 218 0.33 -41.22 -26.14
C LYS A 218 -0.60 -40.94 -27.29
N ILE A 219 -0.08 -40.38 -28.37
CA ILE A 219 -0.93 -40.12 -29.52
C ILE A 219 -0.52 -41.00 -30.71
N VAL A 220 -0.65 -42.31 -30.51
CA VAL A 220 -0.29 -43.33 -31.51
C VAL A 220 -1.03 -43.06 -32.83
N PRO A 221 -0.32 -43.07 -33.97
CA PRO A 221 -0.98 -42.90 -35.28
C PRO A 221 -1.95 -44.04 -35.67
N ARG A 222 -2.58 -43.96 -36.84
CA ARG A 222 -3.41 -45.08 -37.31
C ARG A 222 -2.78 -45.85 -38.48
N ASP B 1 -34.13 1.50 -6.12
CA ASP B 1 -33.11 0.89 -7.03
C ASP B 1 -32.64 1.83 -8.14
N ILE B 2 -31.40 1.62 -8.61
CA ILE B 2 -30.93 2.23 -9.86
C ILE B 2 -30.27 1.19 -10.73
N GLN B 3 -30.61 1.20 -11.99
CA GLN B 3 -30.07 0.24 -12.91
C GLN B 3 -29.00 0.87 -13.83
N MET B 4 -28.01 0.09 -14.20
CA MET B 4 -27.00 0.55 -15.16
C MET B 4 -27.08 -0.20 -16.53
N THR B 5 -27.12 0.56 -17.63
CA THR B 5 -27.05 0.00 -18.98
C THR B 5 -25.74 0.44 -19.58
N GLN B 6 -25.01 -0.51 -20.15
CA GLN B 6 -23.78 -0.17 -20.81
C GLN B 6 -23.91 -0.37 -22.29
N SER B 7 -22.95 0.14 -23.04
CA SER B 7 -22.77 -0.26 -24.43
C SER B 7 -21.53 0.38 -25.01
N PRO B 8 -20.98 -0.23 -26.06
CA PRO B 8 -21.52 -1.45 -26.65
C PRO B 8 -21.30 -2.71 -25.75
N ALA B 9 -21.87 -3.85 -26.14
CA ALA B 9 -21.63 -5.09 -25.41
C ALA B 9 -20.19 -5.45 -25.64
N SER B 10 -19.76 -5.20 -26.87
CA SER B 10 -18.38 -5.42 -27.26
C SER B 10 -18.03 -4.48 -28.39
N LEU B 11 -16.75 -4.15 -28.46
CA LEU B 11 -16.19 -3.43 -29.59
C LEU B 11 -14.71 -3.80 -29.67
N SER B 12 -14.12 -3.68 -30.85
CA SER B 12 -12.72 -4.08 -31.03
C SER B 12 -11.99 -3.02 -31.80
N ALA B 13 -10.81 -2.65 -31.32
CA ALA B 13 -10.10 -1.53 -31.88
C ALA B 13 -8.66 -1.92 -32.19
N SER B 14 -7.89 -1.00 -32.77
CA SER B 14 -6.46 -1.25 -33.00
C SER B 14 -5.60 -0.40 -32.08
N VAL B 15 -4.47 -0.97 -31.67
CA VAL B 15 -3.48 -0.24 -30.88
C VAL B 15 -3.35 1.15 -31.49
N GLY B 16 -3.41 2.17 -30.63
CA GLY B 16 -3.27 3.55 -31.06
C GLY B 16 -4.58 4.32 -31.29
N GLU B 17 -5.68 3.61 -31.53
CA GLU B 17 -6.97 4.29 -31.71
C GLU B 17 -7.59 4.81 -30.39
N THR B 18 -8.68 5.57 -30.53
CA THR B 18 -9.43 6.13 -29.39
C THR B 18 -10.83 5.55 -29.37
N VAL B 19 -11.40 5.43 -28.17
CA VAL B 19 -12.59 4.62 -27.97
C VAL B 19 -13.48 5.12 -26.81
N THR B 20 -14.80 5.09 -27.00
CA THR B 20 -15.71 5.55 -25.94
C THR B 20 -16.82 4.59 -25.56
N ILE B 21 -16.65 3.99 -24.40
CA ILE B 21 -17.72 3.23 -23.72
C ILE B 21 -18.59 4.22 -22.97
N THR B 22 -19.91 3.98 -22.99
CA THR B 22 -20.89 4.78 -22.26
C THR B 22 -21.62 3.93 -21.23
N CYS B 23 -22.48 4.61 -20.48
CA CYS B 23 -23.08 4.07 -19.27
C CYS B 23 -24.26 4.94 -18.81
N ARG B 24 -25.39 4.32 -18.49
CA ARG B 24 -26.66 5.03 -18.38
C ARG B 24 -27.57 4.57 -17.22
N ALA B 25 -27.87 5.45 -16.27
CA ALA B 25 -28.57 5.02 -15.03
C ALA B 25 -30.08 5.26 -15.03
N SER B 26 -30.84 4.38 -14.38
CA SER B 26 -32.31 4.58 -14.30
C SER B 26 -32.74 5.81 -13.48
N GLY B 27 -31.80 6.38 -12.70
CA GLY B 27 -32.04 7.55 -11.85
C GLY B 27 -30.83 8.46 -11.98
N ASN B 28 -30.76 9.55 -11.22
CA ASN B 28 -29.58 10.42 -11.29
C ASN B 28 -28.55 9.91 -10.26
N ILE B 29 -27.26 10.00 -10.54
CA ILE B 29 -26.28 9.60 -9.52
C ILE B 29 -25.38 10.73 -8.99
N HIS B 30 -25.59 11.93 -9.50
CA HIS B 30 -24.77 13.07 -9.13
C HIS B 30 -23.32 12.58 -8.96
N ASN B 31 -22.85 11.89 -9.99
CA ASN B 31 -21.44 11.54 -10.22
C ASN B 31 -20.86 10.46 -9.37
N TYR B 32 -21.71 9.81 -8.57
CA TYR B 32 -21.27 8.69 -7.74
C TYR B 32 -21.16 7.40 -8.56
N LEU B 33 -20.23 7.41 -9.52
CA LEU B 33 -20.01 6.26 -10.42
C LEU B 33 -18.54 5.85 -10.52
N ALA B 34 -18.31 4.53 -10.60
CA ALA B 34 -16.97 3.97 -10.78
C ALA B 34 -16.86 2.95 -11.93
N TRP B 35 -15.64 2.79 -12.45
CA TRP B 35 -15.37 1.97 -13.61
C TRP B 35 -14.28 0.99 -13.23
N TYR B 36 -14.51 -0.29 -13.52
CA TYR B 36 -13.51 -1.33 -13.22
C TYR B 36 -12.95 -1.94 -14.49
N GLN B 37 -11.69 -2.34 -14.40
CA GLN B 37 -11.04 -3.05 -15.48
C GLN B 37 -10.92 -4.52 -15.16
N GLN B 38 -11.15 -5.36 -16.17
CA GLN B 38 -11.00 -6.78 -16.00
C GLN B 38 -10.28 -7.41 -17.19
N LYS B 39 -9.01 -7.74 -16.98
CA LYS B 39 -8.24 -8.47 -17.97
C LYS B 39 -8.54 -9.94 -17.86
N GLN B 40 -8.46 -10.63 -19.00
CA GLN B 40 -8.84 -12.04 -19.07
C GLN B 40 -8.34 -12.89 -17.91
N GLY B 41 -9.29 -13.53 -17.23
CA GLY B 41 -8.96 -14.46 -16.17
C GLY B 41 -8.36 -13.79 -14.96
N LYS B 42 -8.33 -12.46 -14.92
CA LYS B 42 -8.04 -11.80 -13.66
C LYS B 42 -9.32 -11.26 -12.97
N SER B 43 -9.19 -10.73 -11.77
CA SER B 43 -10.31 -10.12 -11.09
C SER B 43 -10.37 -8.64 -11.49
N PRO B 44 -11.54 -7.96 -11.29
CA PRO B 44 -11.67 -6.54 -11.60
C PRO B 44 -10.77 -5.65 -10.78
N GLN B 45 -10.23 -4.62 -11.42
CA GLN B 45 -9.49 -3.57 -10.75
C GLN B 45 -10.20 -2.24 -10.91
N LEU B 46 -10.34 -1.52 -9.81
CA LEU B 46 -10.90 -0.19 -9.88
C LEU B 46 -9.98 0.65 -10.74
N LEU B 47 -10.56 1.50 -11.59
CA LEU B 47 -9.80 2.24 -12.62
C LEU B 47 -10.17 3.74 -12.63
N VAL B 48 -11.44 4.04 -12.37
CA VAL B 48 -11.97 5.40 -12.26
C VAL B 48 -13.06 5.40 -11.19
N TYR B 49 -13.34 6.55 -10.60
CA TYR B 49 -14.43 6.67 -9.63
C TYR B 49 -14.83 8.13 -9.50
N ASN B 50 -16.06 8.37 -9.06
CA ASN B 50 -16.69 9.67 -9.24
C ASN B 50 -16.66 10.14 -10.67
N ALA B 51 -16.82 9.20 -11.61
CA ALA B 51 -16.93 9.49 -13.04
C ALA B 51 -15.66 9.95 -13.70
N LYS B 52 -14.88 10.77 -12.99
CA LYS B 52 -13.83 11.57 -13.60
C LYS B 52 -12.47 11.26 -13.02
N THR B 53 -12.40 11.00 -11.72
CA THR B 53 -11.10 10.81 -11.07
C THR B 53 -10.51 9.44 -11.38
N LEU B 54 -9.24 9.39 -11.75
CA LEU B 54 -8.54 8.11 -11.95
C LEU B 54 -7.99 7.51 -10.65
N ALA B 55 -8.10 6.19 -10.52
CA ALA B 55 -7.46 5.47 -9.43
C ALA B 55 -5.96 5.64 -9.58
N ASP B 56 -5.21 5.34 -8.53
CA ASP B 56 -3.77 5.55 -8.61
C ASP B 56 -3.08 4.55 -9.53
N GLY B 57 -2.03 5.02 -10.19
CA GLY B 57 -1.24 4.18 -11.08
C GLY B 57 -2.01 3.84 -12.34
N VAL B 58 -3.00 4.66 -12.69
CA VAL B 58 -3.74 4.47 -13.94
C VAL B 58 -3.20 5.48 -14.93
N PRO B 59 -2.66 5.02 -16.07
CA PRO B 59 -2.04 5.99 -16.98
C PRO B 59 -3.05 7.06 -17.36
N SER B 60 -2.55 8.22 -17.79
CA SER B 60 -3.42 9.37 -18.06
C SER B 60 -4.26 9.23 -19.32
N ARG B 61 -3.94 8.29 -20.21
CA ARG B 61 -4.75 8.18 -21.45
C ARG B 61 -6.26 7.95 -21.17
N PHE B 62 -6.58 7.54 -19.94
CA PHE B 62 -7.96 7.32 -19.49
C PHE B 62 -8.62 8.61 -18.98
N SER B 63 -9.77 8.93 -19.54
CA SER B 63 -10.62 9.98 -19.00
C SER B 63 -12.01 9.42 -18.74
N GLY B 64 -12.62 9.88 -17.65
CA GLY B 64 -14.03 9.69 -17.39
C GLY B 64 -14.75 11.03 -17.51
N SER B 65 -15.99 10.99 -17.96
CA SER B 65 -16.78 12.21 -18.06
C SER B 65 -18.26 11.86 -17.92
N GLY B 66 -19.08 12.85 -17.63
CA GLY B 66 -20.52 12.64 -17.60
C GLY B 66 -21.11 13.36 -16.43
N SER B 67 -22.44 13.50 -16.45
CA SER B 67 -23.20 14.00 -15.29
C SER B 67 -24.64 13.55 -15.36
N GLY B 68 -25.32 13.69 -14.23
CA GLY B 68 -26.70 13.27 -14.07
C GLY B 68 -26.91 11.79 -14.32
N THR B 69 -27.23 11.46 -15.56
CA THR B 69 -27.72 10.13 -15.89
C THR B 69 -26.91 9.34 -16.91
N GLN B 70 -26.21 10.04 -17.80
CA GLN B 70 -25.29 9.40 -18.75
C GLN B 70 -23.87 9.81 -18.42
N TYR B 71 -23.02 8.79 -18.34
CA TYR B 71 -21.58 8.94 -18.09
C TYR B 71 -20.84 8.15 -19.17
N SER B 72 -19.54 8.37 -19.31
CA SER B 72 -18.76 7.60 -20.29
C SER B 72 -17.26 7.52 -20.01
N LEU B 73 -16.62 6.55 -20.64
CA LEU B 73 -15.21 6.30 -20.44
C LEU B 73 -14.52 6.34 -21.78
N LYS B 74 -13.33 6.96 -21.81
CA LYS B 74 -12.59 7.09 -23.06
C LYS B 74 -11.10 6.75 -22.93
N ILE B 75 -10.59 6.01 -23.90
CA ILE B 75 -9.20 5.65 -23.86
C ILE B 75 -8.53 6.22 -25.09
N ASN B 76 -7.58 7.11 -24.86
CA ASN B 76 -6.79 7.69 -25.94
C ASN B 76 -5.68 6.76 -26.36
N SER B 77 -5.48 6.64 -27.68
CA SER B 77 -4.41 5.81 -28.24
C SER B 77 -4.12 4.56 -27.39
N LEU B 78 -4.86 3.50 -27.71
CA LEU B 78 -4.81 2.22 -26.99
C LEU B 78 -3.41 1.60 -26.94
N GLN B 79 -3.16 0.89 -25.85
CA GLN B 79 -1.97 0.06 -25.74
C GLN B 79 -2.47 -1.36 -25.55
N PRO B 80 -1.66 -2.38 -25.95
CA PRO B 80 -2.13 -3.77 -25.73
C PRO B 80 -2.69 -4.04 -24.33
N GLU B 81 -2.05 -3.54 -23.28
CA GLU B 81 -2.49 -3.83 -21.90
C GLU B 81 -3.88 -3.28 -21.50
N ASP B 82 -4.56 -2.62 -22.44
CA ASP B 82 -5.87 -2.01 -22.19
C ASP B 82 -7.06 -2.87 -22.59
N PHE B 83 -6.79 -3.97 -23.32
CA PHE B 83 -7.84 -4.81 -23.90
C PHE B 83 -8.38 -5.81 -22.88
N GLY B 84 -9.69 -5.79 -22.69
CA GLY B 84 -10.27 -6.59 -21.66
C GLY B 84 -11.72 -6.20 -21.51
N SER B 85 -12.24 -6.39 -20.31
CA SER B 85 -13.57 -5.95 -20.00
C SER B 85 -13.63 -4.73 -19.11
N TYR B 86 -14.79 -4.08 -19.12
CA TYR B 86 -14.97 -2.79 -18.52
C TYR B 86 -16.34 -2.77 -17.95
N TYR B 87 -16.43 -2.45 -16.68
CA TYR B 87 -17.71 -2.39 -16.01
C TYR B 87 -17.84 -1.09 -15.29
N CYS B 88 -19.03 -0.51 -15.31
CA CYS B 88 -19.34 0.64 -14.46
C CYS B 88 -20.29 0.19 -13.33
N GLN B 89 -20.19 0.87 -12.20
CA GLN B 89 -21.13 0.67 -11.10
C GLN B 89 -21.45 2.03 -10.47
N HIS B 90 -22.61 2.16 -9.85
CA HIS B 90 -22.93 3.43 -9.22
C HIS B 90 -22.83 3.30 -7.71
N PHE B 91 -22.69 4.44 -7.02
CA PHE B 91 -22.64 4.48 -5.57
C PHE B 91 -23.60 5.50 -4.98
N TRP B 92 -24.74 5.68 -5.62
CA TRP B 92 -25.71 6.60 -5.10
C TRP B 92 -26.62 5.84 -4.12
N SER B 93 -27.55 5.07 -4.66
CA SER B 93 -28.55 4.36 -3.88
C SER B 93 -27.99 3.01 -3.45
N THR B 94 -28.73 2.32 -2.59
CA THR B 94 -28.17 1.22 -1.85
C THR B 94 -27.76 -0.04 -2.56
N PRO B 95 -28.61 -0.65 -3.45
CA PRO B 95 -27.92 -1.71 -4.23
C PRO B 95 -26.97 -1.06 -5.25
N ARG B 96 -25.66 -1.20 -5.05
CA ARG B 96 -24.72 -0.65 -6.00
C ARG B 96 -24.72 -1.60 -7.19
N THR B 97 -25.47 -1.23 -8.23
CA THR B 97 -25.62 -2.07 -9.40
C THR B 97 -24.50 -1.83 -10.44
N PHE B 98 -24.30 -2.84 -11.29
CA PHE B 98 -23.25 -2.85 -12.32
C PHE B 98 -23.77 -2.82 -13.73
N GLY B 99 -23.06 -2.10 -14.60
CA GLY B 99 -23.31 -2.17 -16.04
C GLY B 99 -23.12 -3.60 -16.54
N GLY B 100 -23.78 -3.94 -17.65
CA GLY B 100 -23.60 -5.25 -18.29
C GLY B 100 -22.14 -5.54 -18.62
N GLY B 101 -21.41 -4.53 -19.06
CA GLY B 101 -19.99 -4.67 -19.28
C GLY B 101 -19.72 -4.57 -20.75
N THR B 102 -18.60 -3.96 -21.10
CA THR B 102 -18.25 -3.73 -22.49
C THR B 102 -16.97 -4.47 -22.77
N LYS B 103 -17.02 -5.46 -23.67
CA LYS B 103 -15.86 -6.31 -23.94
C LYS B 103 -14.94 -5.76 -25.06
N LEU B 104 -13.74 -5.35 -24.69
CA LEU B 104 -12.83 -4.74 -25.64
C LEU B 104 -11.74 -5.68 -26.15
N GLU B 105 -11.69 -5.82 -27.49
CA GLU B 105 -10.83 -6.79 -28.15
C GLU B 105 -9.97 -6.12 -29.20
N ILE B 106 -8.90 -6.78 -29.66
CA ILE B 106 -7.93 -6.16 -30.57
C ILE B 106 -8.17 -6.48 -32.03
N LYS B 107 -8.06 -5.46 -32.89
CA LYS B 107 -8.15 -5.59 -34.38
C LYS B 107 -6.82 -5.96 -35.00
N ARG B 108 -6.88 -6.64 -36.14
CA ARG B 108 -5.66 -7.07 -36.86
C ARG B 108 -5.97 -7.69 -38.24
N ALA B 109 -4.96 -7.75 -39.11
CA ALA B 109 -5.16 -8.32 -40.47
C ALA B 109 -5.80 -9.71 -40.39
N ASP B 110 -6.76 -9.96 -41.26
CA ASP B 110 -7.55 -11.20 -41.22
C ASP B 110 -6.76 -12.48 -41.42
N ALA B 111 -6.97 -13.46 -40.54
CA ALA B 111 -6.40 -14.77 -40.72
C ALA B 111 -7.51 -15.69 -41.12
N ALA B 112 -7.19 -16.65 -41.98
CA ALA B 112 -8.06 -17.78 -42.27
C ALA B 112 -7.78 -18.84 -41.21
N PRO B 113 -8.74 -19.75 -40.98
CA PRO B 113 -8.47 -20.74 -39.94
C PRO B 113 -7.80 -21.99 -40.50
N THR B 114 -7.10 -22.72 -39.64
CA THR B 114 -6.57 -24.02 -40.00
C THR B 114 -7.47 -25.10 -39.45
N VAL B 115 -8.05 -25.82 -40.39
CA VAL B 115 -9.08 -26.78 -40.10
C VAL B 115 -8.52 -28.19 -40.01
N SER B 116 -8.80 -28.86 -38.90
CA SER B 116 -8.34 -30.22 -38.72
C SER B 116 -9.52 -31.09 -38.32
N ILE B 117 -9.80 -32.11 -39.13
CA ILE B 117 -10.83 -33.08 -38.80
C ILE B 117 -10.22 -34.29 -38.10
N PHE B 118 -10.94 -34.83 -37.12
CA PHE B 118 -10.49 -35.99 -36.38
C PHE B 118 -11.54 -37.06 -36.13
N PRO B 119 -11.24 -38.27 -36.60
CA PRO B 119 -12.16 -39.38 -36.45
C PRO B 119 -12.24 -39.72 -34.96
N PRO B 120 -13.18 -40.59 -34.56
CA PRO B 120 -13.12 -41.12 -33.20
C PRO B 120 -11.88 -41.99 -32.99
N SER B 121 -11.53 -42.19 -31.73
CA SER B 121 -10.47 -43.10 -31.32
C SER B 121 -11.08 -44.48 -31.12
N SER B 122 -10.29 -45.53 -31.28
CA SER B 122 -10.84 -46.86 -31.02
C SER B 122 -11.41 -46.90 -29.60
N GLU B 123 -10.59 -46.49 -28.63
CA GLU B 123 -10.98 -46.41 -27.22
C GLU B 123 -12.41 -45.94 -27.05
N GLN B 124 -12.75 -44.82 -27.70
CA GLN B 124 -14.08 -44.27 -27.55
C GLN B 124 -15.17 -45.20 -28.10
N LEU B 125 -14.90 -45.82 -29.24
CA LEU B 125 -15.87 -46.70 -29.86
C LEU B 125 -16.20 -47.84 -28.90
N THR B 126 -15.15 -48.37 -28.28
CA THR B 126 -15.26 -49.36 -27.21
C THR B 126 -16.29 -49.02 -26.14
N SER B 127 -16.39 -47.74 -25.80
CA SER B 127 -17.34 -47.29 -24.78
C SER B 127 -18.79 -47.36 -25.28
N GLY B 128 -19.00 -47.08 -26.56
CA GLY B 128 -20.34 -47.09 -27.13
C GLY B 128 -20.70 -45.80 -27.86
N GLY B 129 -19.84 -44.80 -27.70
CA GLY B 129 -19.97 -43.52 -28.38
C GLY B 129 -18.87 -43.24 -29.40
N ALA B 130 -19.20 -42.35 -30.35
CA ALA B 130 -18.29 -41.84 -31.36
C ALA B 130 -18.41 -40.31 -31.41
N SER B 131 -17.29 -39.60 -31.46
CA SER B 131 -17.37 -38.16 -31.72
C SER B 131 -16.35 -37.74 -32.74
N VAL B 132 -16.85 -37.09 -33.78
CA VAL B 132 -16.02 -36.54 -34.82
C VAL B 132 -15.75 -35.08 -34.46
N VAL B 133 -14.46 -34.71 -34.48
CA VAL B 133 -14.01 -33.42 -33.95
C VAL B 133 -13.38 -32.56 -35.03
N CYS B 134 -13.60 -31.25 -34.94
CA CYS B 134 -13.06 -30.30 -35.90
C CYS B 134 -12.41 -29.10 -35.23
N PHE B 135 -11.13 -28.92 -35.50
CA PHE B 135 -10.45 -27.71 -35.08
C PHE B 135 -10.44 -26.71 -36.20
N LEU B 136 -10.79 -25.48 -35.84
CA LEU B 136 -10.82 -24.35 -36.76
C LEU B 136 -10.02 -23.32 -36.05
N ASN B 137 -8.71 -23.43 -36.20
CA ASN B 137 -7.80 -22.75 -35.33
C ASN B 137 -7.25 -21.46 -35.89
N ASN B 138 -7.10 -20.48 -35.00
CA ASN B 138 -6.36 -19.24 -35.26
C ASN B 138 -6.78 -18.41 -36.51
N PHE B 139 -7.92 -17.73 -36.39
CA PHE B 139 -8.48 -16.91 -37.47
C PHE B 139 -8.83 -15.51 -36.98
N TYR B 140 -8.81 -14.55 -37.90
CA TYR B 140 -9.45 -13.29 -37.61
C TYR B 140 -10.73 -13.18 -38.41
N PRO B 141 -11.52 -12.13 -38.20
CA PRO B 141 -12.81 -11.92 -37.57
C PRO B 141 -13.33 -13.13 -36.80
N LYS B 142 -13.91 -12.88 -35.63
CA LYS B 142 -14.33 -13.94 -34.69
C LYS B 142 -15.33 -14.94 -35.24
N ASP B 143 -16.14 -14.53 -36.22
CA ASP B 143 -17.27 -15.38 -36.66
C ASP B 143 -16.88 -16.41 -37.70
N ILE B 144 -17.48 -17.58 -37.59
CA ILE B 144 -17.49 -18.51 -38.68
C ILE B 144 -18.79 -19.24 -38.59
N ASN B 145 -19.25 -19.72 -39.72
CA ASN B 145 -20.23 -20.74 -39.71
C ASN B 145 -19.50 -22.08 -39.98
N VAL B 146 -19.79 -23.11 -39.18
CA VAL B 146 -19.35 -24.50 -39.45
C VAL B 146 -20.47 -25.30 -40.11
N LYS B 147 -20.11 -26.28 -40.94
CA LYS B 147 -21.13 -27.14 -41.53
C LYS B 147 -20.68 -28.59 -41.59
N TRP B 148 -21.47 -29.48 -40.99
CA TRP B 148 -21.16 -30.92 -40.97
C TRP B 148 -21.93 -31.74 -42.02
N LYS B 149 -21.19 -32.37 -42.93
CA LYS B 149 -21.80 -33.20 -43.93
C LYS B 149 -21.48 -34.67 -43.65
N ILE B 150 -22.45 -35.41 -43.16
CA ILE B 150 -22.33 -36.87 -43.21
C ILE B 150 -22.69 -37.35 -44.62
N ASP B 151 -21.72 -37.95 -45.30
CA ASP B 151 -21.93 -38.63 -46.60
C ASP B 151 -22.07 -37.72 -47.80
N GLY B 152 -22.75 -36.58 -47.62
CA GLY B 152 -22.85 -35.59 -48.69
C GLY B 152 -23.79 -34.50 -48.30
N SER B 153 -24.88 -34.90 -47.67
CA SER B 153 -25.86 -33.93 -47.18
C SER B 153 -25.54 -33.55 -45.73
N GLU B 154 -26.07 -32.40 -45.35
CA GLU B 154 -25.84 -31.80 -44.04
C GLU B 154 -26.22 -32.73 -42.89
N ARG B 155 -25.86 -32.32 -41.67
CA ARG B 155 -26.44 -32.86 -40.46
C ARG B 155 -26.32 -31.75 -39.47
N GLN B 156 -27.44 -31.35 -38.88
CA GLN B 156 -27.41 -30.36 -37.82
C GLN B 156 -27.87 -30.90 -36.45
N ASN B 157 -27.94 -32.21 -36.30
CA ASN B 157 -28.45 -32.79 -35.05
C ASN B 157 -27.54 -32.69 -33.81
N GLY B 158 -26.45 -33.44 -33.77
CA GLY B 158 -25.66 -33.56 -32.54
C GLY B 158 -24.36 -32.77 -32.45
N VAL B 159 -24.31 -31.63 -33.13
CA VAL B 159 -23.13 -30.75 -33.17
C VAL B 159 -22.95 -30.03 -31.81
N LEU B 160 -21.70 -29.66 -31.48
CA LEU B 160 -21.38 -28.87 -30.27
C LEU B 160 -20.10 -28.05 -30.39
N ASN B 161 -20.24 -26.73 -30.28
CA ASN B 161 -19.14 -25.81 -30.55
C ASN B 161 -18.55 -25.07 -29.36
N SER B 162 -17.23 -24.99 -29.29
CA SER B 162 -16.62 -24.12 -28.30
C SER B 162 -15.67 -23.12 -28.91
N TRP B 163 -15.68 -21.89 -28.39
CA TRP B 163 -14.85 -20.79 -28.92
C TRP B 163 -13.80 -20.33 -27.91
N THR B 164 -12.57 -20.08 -28.36
CA THR B 164 -11.51 -19.61 -27.44
C THR B 164 -11.62 -18.10 -27.28
N ASP B 165 -10.95 -17.59 -26.25
CA ASP B 165 -10.76 -16.16 -26.15
C ASP B 165 -9.68 -15.63 -27.08
N GLN B 166 -9.74 -14.33 -27.34
CA GLN B 166 -8.78 -13.72 -28.21
C GLN B 166 -7.38 -14.10 -27.76
N ASP B 167 -6.58 -14.63 -28.67
CA ASP B 167 -5.29 -15.10 -28.23
C ASP B 167 -4.46 -13.93 -27.71
N SER B 168 -3.83 -14.17 -26.55
CA SER B 168 -2.89 -13.23 -25.94
C SER B 168 -1.71 -12.92 -26.85
N LYS B 169 -0.96 -13.95 -27.28
CA LYS B 169 0.15 -13.78 -28.25
C LYS B 169 -0.28 -13.07 -29.55
N ASP B 170 -1.25 -13.64 -30.26
CA ASP B 170 -1.49 -13.22 -31.66
C ASP B 170 -2.91 -12.75 -32.03
N SER B 171 -3.73 -12.46 -31.02
CA SER B 171 -4.98 -11.73 -31.22
C SER B 171 -5.99 -12.46 -32.14
N THR B 172 -5.91 -13.79 -32.18
CA THR B 172 -6.80 -14.55 -33.05
C THR B 172 -7.70 -15.43 -32.23
N TYR B 173 -8.52 -16.18 -32.94
CA TYR B 173 -9.56 -16.97 -32.31
C TYR B 173 -9.44 -18.38 -32.83
N SER B 174 -9.99 -19.33 -32.08
CA SER B 174 -10.08 -20.71 -32.53
C SER B 174 -11.41 -21.31 -32.10
N MET B 175 -11.81 -22.35 -32.80
CA MET B 175 -13.06 -22.98 -32.53
C MET B 175 -12.96 -24.50 -32.62
N SER B 176 -13.51 -25.16 -31.60
CA SER B 176 -13.65 -26.59 -31.61
C SER B 176 -15.10 -26.91 -31.91
N SER B 177 -15.34 -27.93 -32.74
CA SER B 177 -16.71 -28.41 -33.02
C SER B 177 -16.76 -29.94 -32.90
N THR B 178 -17.82 -30.46 -32.29
CA THR B 178 -17.90 -31.91 -31.98
C THR B 178 -19.24 -32.58 -32.34
N LEU B 179 -19.26 -33.19 -33.51
CA LEU B 179 -20.38 -33.99 -33.94
C LEU B 179 -20.33 -35.37 -33.24
N THR B 180 -21.32 -35.69 -32.41
CA THR B 180 -21.31 -36.92 -31.60
C THR B 180 -22.39 -37.85 -32.14
N LEU B 181 -22.17 -39.17 -32.07
CA LEU B 181 -23.13 -40.22 -32.54
C LEU B 181 -23.05 -41.54 -31.74
N THR B 182 -23.96 -42.48 -31.95
CA THR B 182 -23.76 -43.80 -31.38
C THR B 182 -22.70 -44.47 -32.22
N LYS B 183 -21.78 -45.16 -31.55
CA LYS B 183 -20.85 -46.08 -32.22
C LYS B 183 -21.59 -46.71 -33.40
N ASP B 184 -22.84 -47.07 -33.15
CA ASP B 184 -23.62 -47.70 -34.16
C ASP B 184 -23.99 -46.80 -35.33
N GLU B 185 -24.47 -45.59 -35.03
CA GLU B 185 -24.73 -44.58 -36.06
C GLU B 185 -23.48 -44.25 -36.89
N TYR B 186 -22.36 -44.05 -36.17
CA TYR B 186 -21.10 -43.74 -36.77
C TYR B 186 -20.60 -44.82 -37.78
N GLU B 187 -20.72 -46.10 -37.43
CA GLU B 187 -20.26 -47.15 -38.33
C GLU B 187 -21.22 -47.46 -39.48
N ARG B 188 -22.00 -46.45 -39.88
CA ARG B 188 -23.01 -46.64 -40.92
C ARG B 188 -22.79 -45.69 -42.11
N HIS B 189 -21.68 -44.94 -42.12
CA HIS B 189 -21.43 -43.96 -43.20
C HIS B 189 -19.98 -43.90 -43.69
N ASN B 190 -19.75 -43.16 -44.77
CA ASN B 190 -18.42 -43.05 -45.38
C ASN B 190 -17.79 -41.65 -45.29
N SER B 191 -18.32 -40.69 -46.03
CA SER B 191 -17.93 -39.28 -45.86
C SER B 191 -18.16 -38.86 -44.41
N TYR B 192 -17.22 -38.12 -43.86
CA TYR B 192 -17.46 -37.24 -42.73
C TYR B 192 -16.70 -35.98 -43.04
N THR B 193 -17.38 -34.84 -43.04
CA THR B 193 -16.85 -33.61 -43.65
C THR B 193 -17.16 -32.40 -42.80
N CYS B 194 -16.24 -31.45 -42.82
CA CYS B 194 -16.31 -30.26 -41.99
C CYS B 194 -16.09 -29.02 -42.88
N GLU B 195 -17.08 -28.12 -42.93
CA GLU B 195 -17.01 -26.96 -43.84
C GLU B 195 -16.97 -25.67 -43.05
N ALA B 196 -15.85 -24.96 -43.15
CA ALA B 196 -15.72 -23.71 -42.44
C ALA B 196 -15.83 -22.56 -43.41
N THR B 197 -16.92 -21.82 -43.31
CA THR B 197 -17.14 -20.72 -44.24
C THR B 197 -16.88 -19.45 -43.48
N HIS B 198 -15.94 -18.65 -43.97
CA HIS B 198 -15.41 -17.55 -43.17
C HIS B 198 -15.01 -16.35 -44.03
N LYS B 199 -15.12 -15.15 -43.45
CA LYS B 199 -14.83 -13.89 -44.17
C LYS B 199 -13.67 -14.01 -45.17
N THR B 200 -12.54 -14.59 -44.73
CA THR B 200 -11.29 -14.59 -45.50
C THR B 200 -11.42 -15.08 -46.94
N SER B 201 -12.22 -16.11 -47.21
CA SER B 201 -12.52 -16.39 -48.62
C SER B 201 -13.95 -16.85 -48.90
N THR B 202 -14.32 -16.79 -50.18
CA THR B 202 -15.69 -17.00 -50.64
C THR B 202 -16.13 -18.45 -50.50
N SER B 203 -15.49 -19.34 -51.26
CA SER B 203 -15.72 -20.79 -51.15
C SER B 203 -15.18 -21.31 -49.81
N PRO B 204 -15.93 -22.19 -49.13
CA PRO B 204 -15.55 -22.63 -47.78
C PRO B 204 -14.29 -23.48 -47.72
N ILE B 205 -13.61 -23.45 -46.57
CA ILE B 205 -12.60 -24.44 -46.30
C ILE B 205 -13.30 -25.76 -46.01
N VAL B 206 -12.97 -26.78 -46.78
CA VAL B 206 -13.54 -28.13 -46.63
C VAL B 206 -12.44 -29.12 -46.20
N LYS B 207 -12.70 -29.87 -45.13
CA LYS B 207 -11.81 -30.97 -44.74
C LYS B 207 -12.66 -32.19 -44.41
N SER B 208 -12.31 -33.36 -44.96
CA SER B 208 -13.06 -34.60 -44.70
C SER B 208 -12.22 -35.88 -44.61
N PHE B 209 -12.88 -36.97 -44.25
CA PHE B 209 -12.24 -38.27 -44.27
C PHE B 209 -13.25 -39.33 -44.62
N ASN B 210 -12.75 -40.47 -45.09
CA ASN B 210 -13.60 -41.63 -45.31
C ASN B 210 -13.23 -42.76 -44.37
N ARG B 211 -14.25 -43.38 -43.81
CA ARG B 211 -14.09 -44.37 -42.76
C ARG B 211 -13.35 -45.65 -43.22
N ASN B 212 -12.86 -45.66 -44.46
CA ASN B 212 -12.28 -46.87 -45.11
C ASN B 212 -10.74 -46.98 -45.20
N GLU B 213 -10.02 -45.97 -44.70
CA GLU B 213 -8.65 -45.69 -45.19
C GLU B 213 -7.44 -46.36 -44.48
N CYS B 214 -7.57 -47.63 -44.08
CA CYS B 214 -6.45 -48.33 -43.40
C CYS B 214 -5.93 -49.55 -44.14
N SER C 149 -32.26 18.30 25.87
CA SER C 149 -31.83 19.13 24.70
C SER C 149 -31.20 18.27 23.60
N ILE C 150 -31.39 18.66 22.34
CA ILE C 150 -31.03 17.84 21.19
C ILE C 150 -29.60 17.37 21.15
N LEU C 151 -28.66 18.20 21.59
CA LEU C 151 -27.26 17.80 21.54
C LEU C 151 -27.02 16.51 22.31
N ASP C 152 -27.88 16.26 23.30
CA ASP C 152 -27.79 15.13 24.22
C ASP C 152 -28.19 13.75 23.67
N ILE C 153 -29.14 13.72 22.73
CA ILE C 153 -29.56 12.48 22.06
C ILE C 153 -28.48 11.98 21.12
N LYS C 154 -28.02 10.77 21.41
CA LYS C 154 -26.97 10.10 20.67
C LYS C 154 -27.34 8.63 20.69
N GLN C 155 -26.95 7.89 19.67
CA GLN C 155 -27.38 6.50 19.64
C GLN C 155 -26.57 5.62 20.56
N GLY C 156 -27.27 4.86 21.42
CA GLY C 156 -26.68 3.79 22.25
C GLY C 156 -25.98 2.73 21.42
N PRO C 157 -25.08 1.94 22.07
CA PRO C 157 -24.15 1.06 21.32
C PRO C 157 -24.84 -0.25 20.94
N LYS C 158 -26.01 -0.45 21.53
CA LYS C 158 -26.90 -1.55 21.20
C LYS C 158 -28.31 -1.07 20.89
N GLU C 159 -28.59 0.23 21.09
CA GLU C 159 -29.87 0.81 20.68
C GLU C 159 -30.05 0.76 19.16
N SER C 160 -31.16 0.22 18.68
CA SER C 160 -31.33 0.15 17.22
C SER C 160 -31.70 1.52 16.68
N PHE C 161 -31.24 1.78 15.46
CA PHE C 161 -31.34 3.06 14.78
C PHE C 161 -32.75 3.60 14.72
N ARG C 162 -33.72 2.70 14.59
CA ARG C 162 -35.13 3.08 14.65
C ARG C 162 -35.49 3.85 15.92
N ASP C 163 -35.25 3.26 17.08
CA ASP C 163 -35.71 3.84 18.35
C ASP C 163 -34.97 5.11 18.69
N TYR C 164 -33.70 5.15 18.27
CA TYR C 164 -32.89 6.36 18.31
C TYR C 164 -33.49 7.43 17.42
N VAL C 165 -34.09 7.04 16.30
CA VAL C 165 -34.71 8.03 15.43
C VAL C 165 -35.97 8.62 16.05
N ASP C 166 -36.68 7.84 16.85
CA ASP C 166 -37.87 8.37 17.55
C ASP C 166 -37.49 9.37 18.63
N ARG C 167 -36.50 9.02 19.44
CA ARG C 167 -35.94 9.93 20.45
C ARG C 167 -35.53 11.24 19.81
N PHE C 168 -34.83 11.16 18.69
CA PHE C 168 -34.30 12.35 18.05
C PHE C 168 -35.43 13.28 17.64
N PHE C 169 -36.37 12.77 16.88
CA PHE C 169 -37.41 13.63 16.33
C PHE C 169 -38.43 14.08 17.34
N LYS C 170 -38.53 13.30 18.43
CA LYS C 170 -39.30 13.68 19.61
C LYS C 170 -38.66 14.95 20.11
N THR C 171 -37.46 14.82 20.62
CA THR C 171 -36.69 15.94 21.10
C THR C 171 -36.73 17.09 20.15
N LEU C 172 -36.52 16.83 18.87
CA LEU C 172 -36.48 17.91 17.91
C LEU C 172 -37.77 18.74 17.90
N ARG C 173 -38.92 18.08 18.00
CA ARG C 173 -40.15 18.82 18.09
C ARG C 173 -40.13 19.77 19.29
N ALA C 174 -39.63 19.30 20.44
CA ALA C 174 -39.64 20.10 21.67
C ALA C 174 -38.90 21.44 21.58
N GLU C 175 -37.70 21.43 20.99
CA GLU C 175 -36.88 22.63 20.79
C GLU C 175 -37.59 23.63 19.88
N GLN C 176 -37.42 24.93 20.14
CA GLN C 176 -38.12 25.96 19.33
C GLN C 176 -37.27 26.95 18.49
N CYS C 177 -37.09 26.56 17.23
CA CYS C 177 -36.39 27.33 16.19
C CYS C 177 -37.16 27.15 14.87
N THR C 178 -36.78 27.85 13.80
CA THR C 178 -37.44 27.69 12.50
C THR C 178 -37.51 26.23 12.05
N GLN C 179 -38.55 25.86 11.33
CA GLN C 179 -38.54 24.54 10.69
C GLN C 179 -37.26 24.42 9.89
N ASP C 180 -36.86 25.50 9.22
CA ASP C 180 -35.63 25.54 8.44
C ASP C 180 -34.42 25.09 9.25
N VAL C 181 -34.25 25.69 10.42
CA VAL C 181 -33.12 25.41 11.28
C VAL C 181 -33.12 23.95 11.72
N LYS C 182 -34.28 23.49 12.20
CA LYS C 182 -34.43 22.14 12.72
C LYS C 182 -34.16 21.08 11.69
N ASN C 183 -34.24 21.47 10.42
CA ASN C 183 -33.88 20.58 9.31
C ASN C 183 -32.38 20.56 9.11
N TRP C 184 -31.77 21.73 9.24
CA TRP C 184 -30.32 21.82 9.13
C TRP C 184 -29.71 20.91 10.18
N MET C 185 -30.26 21.01 11.38
CA MET C 185 -29.76 20.28 12.52
C MET C 185 -29.76 18.80 12.28
N THR C 186 -30.92 18.30 11.88
CA THR C 186 -31.05 16.93 11.46
C THR C 186 -29.89 16.55 10.58
N ASP C 187 -29.67 17.35 9.54
CA ASP C 187 -28.64 17.07 8.56
C ASP C 187 -27.27 16.94 9.16
N THR C 188 -26.95 17.75 10.17
CA THR C 188 -25.66 17.67 10.87
C THR C 188 -25.67 16.48 11.80
N LEU C 189 -26.71 16.48 12.65
CA LEU C 189 -26.77 15.77 13.92
C LEU C 189 -27.08 14.30 13.89
N LEU C 190 -28.14 13.93 13.19
CA LEU C 190 -28.72 12.58 13.22
C LEU C 190 -27.82 11.44 12.71
N VAL C 191 -27.23 11.60 11.53
CA VAL C 191 -26.24 10.62 11.10
C VAL C 191 -25.00 10.74 11.98
N GLN C 192 -24.55 11.96 12.25
CA GLN C 192 -23.32 12.08 12.96
C GLN C 192 -23.37 11.43 14.36
N ASN C 193 -24.48 11.60 15.07
CA ASN C 193 -24.64 11.06 16.42
C ASN C 193 -25.04 9.58 16.54
N ALA C 194 -25.09 8.84 15.42
CA ALA C 194 -25.34 7.40 15.51
C ALA C 194 -24.13 6.68 16.11
N ASN C 195 -24.37 5.55 16.76
CA ASN C 195 -23.31 4.70 17.29
C ASN C 195 -22.15 4.52 16.28
N PRO C 196 -20.90 4.63 16.75
CA PRO C 196 -19.75 4.72 15.83
C PRO C 196 -19.75 3.67 14.74
N ASP C 197 -20.16 2.45 15.06
CA ASP C 197 -20.10 1.34 14.11
C ASP C 197 -21.17 1.51 13.05
N CYS C 198 -22.33 1.96 13.48
CA CYS C 198 -23.49 2.03 12.63
C CYS C 198 -23.28 3.00 11.49
N LYS C 199 -22.60 4.13 11.75
CA LYS C 199 -22.24 5.11 10.70
C LYS C 199 -21.44 4.47 9.59
N THR C 200 -20.49 3.61 9.95
CA THR C 200 -19.72 2.78 9.01
C THR C 200 -20.60 2.29 7.88
N ILE C 201 -21.66 1.58 8.28
CA ILE C 201 -22.54 1.01 7.31
C ILE C 201 -23.29 2.13 6.65
N LEU C 202 -23.85 3.06 7.42
CA LEU C 202 -24.57 4.18 6.81
C LEU C 202 -23.76 4.85 5.71
N ARG C 203 -22.46 4.92 5.94
CA ARG C 203 -21.52 5.55 5.02
C ARG C 203 -21.52 4.82 3.69
N ALA C 204 -21.73 3.52 3.79
CA ALA C 204 -21.71 2.64 2.64
C ALA C 204 -23.08 2.47 1.97
N LEU C 205 -24.15 2.92 2.63
CA LEU C 205 -25.51 2.81 2.03
C LEU C 205 -25.65 3.81 0.90
N GLY C 206 -24.67 4.71 0.80
CA GLY C 206 -24.66 5.76 -0.22
C GLY C 206 -25.43 7.00 0.22
N PRO C 207 -25.20 8.13 -0.47
CA PRO C 207 -25.98 9.31 -0.14
C PRO C 207 -27.44 9.06 -0.39
N GLY C 208 -27.80 8.38 -1.47
CA GLY C 208 -29.20 8.24 -1.89
C GLY C 208 -30.18 7.55 -0.95
N ALA C 209 -29.66 6.67 -0.11
CA ALA C 209 -30.44 5.81 0.80
C ALA C 209 -31.51 6.52 1.63
N THR C 210 -32.68 5.89 1.76
CA THR C 210 -33.75 6.51 2.55
C THR C 210 -33.53 6.18 4.02
N LEU C 211 -34.26 6.89 4.89
CA LEU C 211 -34.35 6.54 6.30
C LEU C 211 -34.76 5.10 6.44
N GLU C 212 -35.87 4.80 5.80
CA GLU C 212 -36.41 3.46 5.81
C GLU C 212 -35.27 2.45 5.66
N GLU C 213 -34.41 2.67 4.66
CA GLU C 213 -33.26 1.81 4.39
C GLU C 213 -32.25 1.84 5.55
N MET C 214 -31.80 3.03 5.96
CA MET C 214 -30.88 3.18 7.09
C MET C 214 -31.37 2.42 8.34
N MET C 215 -32.60 2.69 8.77
CA MET C 215 -33.17 1.98 9.92
C MET C 215 -33.04 0.47 9.79
N THR C 216 -33.31 -0.06 8.60
CA THR C 216 -33.11 -1.48 8.27
C THR C 216 -31.62 -1.86 8.43
N ALA C 217 -30.73 -1.07 7.82
CA ALA C 217 -29.29 -1.30 7.83
C ALA C 217 -28.79 -1.38 9.24
N CYS C 218 -29.43 -0.60 10.10
CA CYS C 218 -28.91 -0.38 11.44
C CYS C 218 -29.69 -0.98 12.60
N GLN C 219 -30.72 -1.79 12.34
CA GLN C 219 -31.21 -2.70 13.39
C GLN C 219 -30.13 -3.76 13.61
N GLY C 220 -30.30 -4.62 14.61
CA GLY C 220 -29.25 -5.60 14.97
C GLY C 220 -29.11 -6.78 14.03
N VAL C 221 -28.61 -7.91 14.55
CA VAL C 221 -28.49 -9.13 13.73
C VAL C 221 -29.31 -10.27 14.33
N ASP D 1 1.07 5.64 -4.05
CA ASP D 1 2.34 6.02 -3.34
C ASP D 1 2.56 7.52 -3.15
N VAL D 2 2.19 7.99 -1.97
CA VAL D 2 2.41 9.36 -1.57
C VAL D 2 3.94 9.57 -1.50
N LYS D 3 4.44 10.66 -2.08
CA LYS D 3 5.86 11.00 -1.97
C LYS D 3 6.17 12.51 -1.77
N LEU D 4 6.56 12.84 -0.54
CA LEU D 4 7.01 14.17 -0.22
C LEU D 4 8.53 14.12 -0.26
N VAL D 5 9.14 15.03 -1.01
CA VAL D 5 10.58 15.10 -1.11
C VAL D 5 10.95 16.54 -0.96
N GLU D 6 11.77 16.83 0.06
CA GLU D 6 12.26 18.17 0.32
C GLU D 6 13.65 18.24 -0.21
N SER D 7 14.14 19.46 -0.31
CA SER D 7 15.49 19.74 -0.78
C SER D 7 15.71 21.25 -0.66
N GLY D 8 16.95 21.67 -0.60
CA GLY D 8 17.23 23.10 -0.57
C GLY D 8 18.00 23.49 0.66
N GLY D 9 18.07 22.58 1.62
CA GLY D 9 18.78 22.88 2.87
C GLY D 9 20.28 22.88 2.68
N GLY D 10 21.01 23.37 3.69
CA GLY D 10 22.48 23.44 3.64
C GLY D 10 23.01 24.31 4.75
N LEU D 11 24.14 24.97 4.51
CA LEU D 11 24.76 25.83 5.54
C LEU D 11 24.57 27.33 5.29
N VAL D 12 24.08 28.04 6.32
CA VAL D 12 23.82 29.49 6.20
C VAL D 12 24.29 30.28 7.44
N LYS D 13 24.85 31.47 7.19
CA LYS D 13 25.27 32.40 8.24
C LYS D 13 24.10 32.74 9.15
N PRO D 14 24.37 33.02 10.44
CA PRO D 14 23.35 33.72 11.23
C PRO D 14 23.00 35.08 10.60
N GLY D 15 21.72 35.46 10.66
CA GLY D 15 21.21 36.67 10.01
C GLY D 15 20.75 36.42 8.59
N GLY D 16 20.91 35.18 8.11
CA GLY D 16 20.78 34.89 6.69
C GLY D 16 19.40 34.50 6.28
N SER D 17 19.26 34.19 5.00
CA SER D 17 18.03 33.65 4.44
C SER D 17 18.28 32.40 3.64
N LEU D 18 17.27 31.57 3.51
CA LEU D 18 17.38 30.37 2.74
C LEU D 18 15.96 29.90 2.50
N LYS D 19 15.68 29.29 1.34
CA LYS D 19 14.32 28.87 1.02
C LYS D 19 14.24 27.40 0.66
N LEU D 20 13.38 26.67 1.35
CA LEU D 20 13.27 25.24 1.17
C LEU D 20 12.02 24.87 0.38
N SER D 21 12.16 23.86 -0.48
CA SER D 21 11.01 23.32 -1.18
C SER D 21 10.80 21.86 -0.90
N CYS D 22 9.55 21.44 -1.13
CA CYS D 22 9.17 20.07 -1.02
C CYS D 22 8.25 19.75 -2.19
N ALA D 23 8.57 18.65 -2.87
CA ALA D 23 7.96 18.29 -4.11
C ALA D 23 6.95 17.17 -3.82
N ALA D 24 5.65 17.46 -3.96
CA ALA D 24 4.61 16.45 -3.74
C ALA D 24 4.30 15.66 -5.00
N SER D 25 3.98 14.38 -4.80
CA SER D 25 3.68 13.48 -5.91
C SER D 25 2.93 12.23 -5.46
N GLY D 26 1.72 12.06 -5.98
CA GLY D 26 1.01 10.81 -5.79
C GLY D 26 -0.30 10.95 -5.05
N PHE D 27 -0.74 12.20 -4.85
CA PHE D 27 -2.06 12.54 -4.28
C PHE D 27 -2.43 13.88 -4.86
N THR D 28 -3.60 14.41 -4.52
CA THR D 28 -3.88 15.78 -4.99
C THR D 28 -3.35 16.83 -4.01
N PHE D 29 -2.20 17.39 -4.35
CA PHE D 29 -1.57 18.39 -3.52
C PHE D 29 -2.61 19.45 -3.13
N SER D 30 -3.35 19.92 -4.14
CA SER D 30 -4.27 21.01 -3.94
C SER D 30 -5.37 20.71 -2.93
N SER D 31 -5.54 19.43 -2.58
CA SER D 31 -6.64 18.98 -1.70
C SER D 31 -6.29 18.79 -0.22
N TYR D 32 -5.00 18.70 0.09
CA TYR D 32 -4.58 18.60 1.49
C TYR D 32 -3.86 19.86 1.96
N THR D 33 -4.04 20.16 3.25
CA THR D 33 -3.22 21.13 3.98
C THR D 33 -1.84 20.51 4.27
N MET D 34 -0.84 21.37 4.40
CA MET D 34 0.56 20.94 4.49
C MET D 34 1.32 21.76 5.53
N SER D 35 2.22 21.12 6.28
CA SER D 35 2.99 21.83 7.30
C SER D 35 4.47 21.47 7.22
N TRP D 36 5.34 22.40 7.60
CA TRP D 36 6.75 22.09 7.83
C TRP D 36 7.01 21.84 9.32
N VAL D 37 7.79 20.81 9.65
CA VAL D 37 8.03 20.43 11.05
C VAL D 37 9.51 20.13 11.25
N ARG D 38 10.15 20.72 12.26
CA ARG D 38 11.59 20.50 12.43
C ARG D 38 11.99 19.62 13.63
N GLN D 39 13.15 18.96 13.47
CA GLN D 39 13.78 18.16 14.50
C GLN D 39 15.14 18.75 14.86
N THR D 40 15.25 19.25 16.10
CA THR D 40 16.49 19.84 16.63
C THR D 40 17.50 18.70 16.84
N PRO D 41 18.81 18.99 16.76
CA PRO D 41 19.81 17.93 16.89
C PRO D 41 19.60 17.01 18.11
N GLU D 42 19.10 17.55 19.21
CA GLU D 42 18.70 16.74 20.39
C GLU D 42 17.63 15.68 20.08
N LYS D 43 16.96 15.81 18.93
CA LYS D 43 15.81 14.97 18.54
C LYS D 43 14.44 15.54 18.94
N ARG D 44 14.35 16.80 19.34
CA ARG D 44 13.02 17.34 19.62
C ARG D 44 12.37 17.70 18.31
N LEU D 45 11.06 17.46 18.24
CA LEU D 45 10.27 17.85 17.08
C LEU D 45 9.37 18.98 17.47
N GLU D 46 9.13 19.86 16.51
CA GLU D 46 8.46 21.11 16.73
C GLU D 46 7.79 21.47 15.42
N TRP D 47 6.47 21.47 15.41
CA TRP D 47 5.72 21.97 14.25
C TRP D 47 5.95 23.49 14.16
N VAL D 48 5.88 24.03 12.96
CA VAL D 48 6.45 25.35 12.76
C VAL D 48 5.58 26.27 11.91
N ALA D 49 4.81 25.66 11.00
CA ALA D 49 3.87 26.39 10.15
C ALA D 49 3.03 25.46 9.30
N ILE D 50 1.76 25.82 9.13
CA ILE D 50 0.92 25.18 8.12
C ILE D 50 0.43 26.20 7.15
N ILE D 51 -0.18 25.69 6.10
CA ILE D 51 -0.79 26.46 5.06
C ILE D 51 -2.09 25.77 4.60
N SER D 52 -3.11 26.58 4.31
CA SER D 52 -4.35 26.08 3.72
C SER D 52 -4.13 25.38 2.36
N SER D 53 -5.10 24.54 1.98
CA SER D 53 -4.98 23.80 0.74
C SER D 53 -4.90 24.80 -0.40
N GLY D 54 -5.78 25.80 -0.33
CA GLY D 54 -5.82 26.89 -1.30
C GLY D 54 -4.49 27.58 -1.27
N GLY D 55 -3.99 27.86 -0.07
CA GLY D 55 -2.74 28.60 0.11
C GLY D 55 -2.92 30.05 0.55
N SER D 56 -4.13 30.57 0.47
CA SER D 56 -4.30 31.96 0.83
C SER D 56 -4.23 32.18 2.35
N TYR D 57 -4.29 31.08 3.11
CA TYR D 57 -4.24 31.14 4.58
C TYR D 57 -3.07 30.36 5.26
N THR D 58 -2.48 30.95 6.31
CA THR D 58 -1.33 30.36 7.06
C THR D 58 -1.26 30.71 8.57
N TYR D 59 -0.71 29.81 9.38
CA TYR D 59 -0.48 30.06 10.80
C TYR D 59 0.92 29.55 11.13
N TYR D 60 1.54 30.10 12.18
CA TYR D 60 2.92 29.82 12.52
C TYR D 60 3.13 29.42 13.95
N SER D 61 4.26 28.78 14.23
CA SER D 61 4.63 28.59 15.62
C SER D 61 5.19 29.91 16.08
N ASP D 62 4.99 30.21 17.34
CA ASP D 62 5.56 31.41 17.91
C ASP D 62 7.04 31.47 17.71
N SER D 63 7.71 30.32 17.79
CA SER D 63 9.17 30.22 17.55
C SER D 63 9.62 30.70 16.17
N VAL D 64 8.68 30.98 15.27
CA VAL D 64 9.02 31.28 13.91
C VAL D 64 8.24 32.48 13.35
N LYS D 65 7.15 32.81 14.03
CA LYS D 65 6.25 33.92 13.72
C LYS D 65 6.97 35.09 13.05
N GLY D 66 6.73 35.27 11.76
CA GLY D 66 7.25 36.43 11.09
C GLY D 66 8.76 36.52 11.00
N ARG D 67 9.43 35.38 11.00
CA ARG D 67 10.78 35.30 10.42
C ARG D 67 10.72 34.30 9.24
N PHE D 68 9.80 33.35 9.32
CA PHE D 68 9.61 32.32 8.31
C PHE D 68 8.25 32.49 7.58
N THR D 69 8.20 32.16 6.27
CA THR D 69 6.95 32.15 5.48
C THR D 69 6.71 30.83 4.70
N ILE D 70 5.61 30.15 5.03
CA ILE D 70 5.15 28.95 4.30
C ILE D 70 4.31 29.40 3.12
N SER D 71 4.49 28.72 1.98
CA SER D 71 3.94 29.15 0.70
C SER D 71 3.89 27.96 -0.22
N ARG D 72 2.87 27.87 -1.07
CA ARG D 72 2.75 26.77 -2.04
C ARG D 72 2.58 27.18 -3.53
N ASP D 73 2.74 26.22 -4.43
CA ASP D 73 2.38 26.40 -5.83
C ASP D 73 1.73 25.09 -6.25
N ASN D 74 0.40 25.05 -6.26
CA ASN D 74 -0.32 23.82 -6.61
C ASN D 74 -0.07 23.38 -8.04
N ALA D 75 0.01 24.37 -8.94
CA ALA D 75 0.45 24.15 -10.34
C ALA D 75 1.68 23.26 -10.36
N LYS D 76 2.68 23.60 -9.57
CA LYS D 76 3.92 22.82 -9.53
C LYS D 76 3.96 21.68 -8.52
N ASN D 77 2.98 21.58 -7.62
CA ASN D 77 2.99 20.57 -6.51
C ASN D 77 4.19 20.66 -5.59
N THR D 78 4.43 21.87 -5.08
CA THR D 78 5.61 22.20 -4.29
C THR D 78 5.23 23.11 -3.11
N LEU D 79 5.70 22.73 -1.93
CA LEU D 79 5.59 23.58 -0.77
C LEU D 79 6.92 24.27 -0.58
N TYR D 80 6.91 25.39 0.14
CA TYR D 80 8.12 26.12 0.40
C TYR D 80 8.16 26.52 1.83
N LEU D 81 9.37 26.65 2.34
CA LEU D 81 9.59 27.39 3.55
C LEU D 81 10.61 28.47 3.26
N GLN D 82 10.21 29.74 3.34
CA GLN D 82 11.20 30.82 3.28
C GLN D 82 11.65 31.23 4.68
N MET D 83 12.88 30.90 5.01
CA MET D 83 13.46 31.33 6.25
C MET D 83 14.25 32.62 6.05
N SER D 84 14.13 33.53 7.00
CA SER D 84 15.03 34.66 7.08
C SER D 84 15.35 34.89 8.58
N SER D 85 16.09 35.95 8.91
CA SER D 85 16.52 36.20 10.29
C SER D 85 16.92 34.87 10.94
N LEU D 86 17.87 34.15 10.36
CA LEU D 86 18.21 32.82 10.87
C LEU D 86 19.16 32.91 12.03
N LYS D 87 18.96 32.05 13.02
CA LYS D 87 19.72 32.05 14.24
C LYS D 87 20.18 30.62 14.44
N SER D 88 21.33 30.42 15.09
CA SER D 88 21.88 29.07 15.32
C SER D 88 20.78 28.08 15.70
N GLU D 89 20.00 28.49 16.71
CA GLU D 89 18.80 27.82 17.20
C GLU D 89 17.91 27.17 16.12
N ASP D 90 17.84 27.77 14.93
CA ASP D 90 17.08 27.23 13.83
C ASP D 90 17.68 25.98 13.23
N THR D 91 18.93 25.65 13.58
CA THR D 91 19.61 24.46 13.01
C THR D 91 18.80 23.19 13.25
N ALA D 92 18.36 22.51 12.20
CA ALA D 92 17.61 21.27 12.40
C ALA D 92 17.39 20.51 11.11
N MET D 93 16.84 19.30 11.23
CA MET D 93 16.23 18.65 10.07
C MET D 93 14.81 19.22 9.91
N TYR D 94 14.51 19.73 8.71
CA TYR D 94 13.21 20.30 8.36
C TYR D 94 12.46 19.37 7.43
N TYR D 95 11.33 18.88 7.92
CA TYR D 95 10.52 17.91 7.23
C TYR D 95 9.34 18.61 6.60
N CYS D 96 9.01 18.18 5.38
CA CYS D 96 7.73 18.48 4.76
C CYS D 96 6.70 17.49 5.31
N THR D 97 5.46 17.92 5.46
CA THR D 97 4.44 17.12 6.13
C THR D 97 2.99 17.38 5.73
N ARG D 98 2.22 16.30 5.46
CA ARG D 98 0.83 16.41 5.00
C ARG D 98 -0.18 15.92 6.01
N ASP D 99 -1.38 16.51 5.99
CA ASP D 99 -2.48 16.22 6.92
C ASP D 99 -3.48 15.21 6.41
N GLU D 100 -3.81 14.21 7.24
CA GLU D 100 -4.85 13.25 6.90
C GLU D 100 -6.10 14.04 6.57
N GLY D 101 -6.89 13.55 5.61
CA GLY D 101 -8.08 14.28 5.17
C GLY D 101 -9.37 13.53 5.34
N ASN D 102 -9.58 12.91 6.51
CA ASN D 102 -10.79 12.10 6.75
C ASN D 102 -11.67 12.58 7.88
N GLY D 103 -11.13 12.71 9.08
CA GLY D 103 -11.90 13.27 10.19
C GLY D 103 -12.18 14.75 9.95
N ASN D 104 -13.25 15.28 10.55
CA ASN D 104 -13.56 16.69 10.50
C ASN D 104 -12.31 17.51 10.51
N TYR D 105 -11.64 17.48 11.67
CA TYR D 105 -10.42 18.21 11.88
C TYR D 105 -9.31 17.21 11.80
N VAL D 106 -8.24 17.60 11.10
CA VAL D 106 -7.01 16.81 10.90
C VAL D 106 -6.67 16.00 12.15
N GLU D 107 -6.75 14.67 12.07
CA GLU D 107 -6.52 13.84 13.25
C GLU D 107 -5.16 13.17 13.22
N ALA D 108 -4.36 13.52 12.23
CA ALA D 108 -2.96 13.10 12.14
C ALA D 108 -2.26 13.76 10.96
N MET D 109 -0.94 13.70 10.99
CA MET D 109 -0.15 14.01 9.82
C MET D 109 0.13 12.67 9.17
N ASP D 110 -0.40 12.53 7.97
CA ASP D 110 -0.44 11.31 7.16
C ASP D 110 0.97 10.83 6.86
N TYR D 111 1.75 11.67 6.18
CA TYR D 111 3.07 11.38 5.62
C TYR D 111 4.06 12.48 5.90
N TRP D 112 5.33 12.09 5.96
CA TRP D 112 6.46 12.97 6.19
C TRP D 112 7.46 12.83 5.05
N GLY D 113 8.31 13.82 4.86
CA GLY D 113 9.35 13.69 3.86
C GLY D 113 10.41 12.76 4.37
N GLN D 114 11.65 13.18 4.22
CA GLN D 114 12.80 12.44 4.71
C GLN D 114 13.63 13.52 5.41
N GLY D 115 13.17 14.75 5.23
CA GLY D 115 13.82 15.90 5.78
C GLY D 115 14.92 16.33 4.85
N THR D 116 15.12 17.63 4.81
CA THR D 116 16.33 18.20 4.34
C THR D 116 16.87 18.88 5.60
N SER D 117 18.17 18.71 5.82
CA SER D 117 18.83 19.22 7.01
C SER D 117 19.29 20.65 6.81
N VAL D 118 19.10 21.49 7.82
CA VAL D 118 19.70 22.84 7.83
C VAL D 118 20.61 23.07 9.06
N THR D 119 21.60 23.93 8.87
CA THR D 119 22.63 24.24 9.86
C THR D 119 22.87 25.76 9.83
N VAL D 120 22.71 26.45 10.96
CA VAL D 120 22.97 27.89 11.01
C VAL D 120 24.10 28.14 11.97
N SER D 121 25.32 28.22 11.44
CA SER D 121 26.41 28.81 12.20
C SER D 121 27.23 29.71 11.29
N SER D 122 28.28 30.30 11.84
CA SER D 122 29.08 31.22 11.06
C SER D 122 30.46 30.69 10.79
N ALA D 123 30.80 29.53 11.35
CA ALA D 123 32.13 28.91 11.21
C ALA D 123 32.52 28.67 9.74
N LYS D 124 33.73 29.07 9.33
CA LYS D 124 34.14 28.89 7.93
C LYS D 124 34.10 27.41 7.65
N THR D 125 33.75 27.03 6.41
CA THR D 125 33.94 25.66 5.93
C THR D 125 35.41 25.30 5.98
N THR D 126 35.70 24.01 6.17
CA THR D 126 37.08 23.54 6.08
C THR D 126 37.10 22.07 5.71
N PRO D 127 38.12 21.66 4.91
CA PRO D 127 38.38 20.27 4.61
C PRO D 127 39.12 19.64 5.78
N PRO D 128 38.87 18.35 6.04
CA PRO D 128 39.46 17.71 7.20
C PRO D 128 40.88 17.35 6.93
N SER D 129 41.59 16.91 7.98
CA SER D 129 42.85 16.21 7.84
C SER D 129 42.60 14.75 8.17
N VAL D 130 43.08 13.86 7.31
CA VAL D 130 42.98 12.44 7.60
C VAL D 130 44.31 11.88 8.04
N TYR D 131 44.28 11.35 9.26
CA TYR D 131 45.44 10.74 9.87
C TYR D 131 45.08 9.30 10.17
N PRO D 132 46.01 8.36 9.89
CA PRO D 132 45.73 6.96 10.17
C PRO D 132 46.05 6.61 11.61
N LEU D 133 45.46 5.53 12.13
CA LEU D 133 45.84 5.02 13.45
C LEU D 133 46.20 3.55 13.42
N ALA D 134 47.49 3.26 13.65
CA ALA D 134 48.03 1.91 13.74
C ALA D 134 48.51 1.65 15.18
N PRO D 135 48.48 0.38 15.67
CA PRO D 135 49.11 -0.02 16.95
C PRO D 135 50.54 0.51 17.20
N GLY D 136 50.99 0.50 18.45
CA GLY D 136 52.40 0.81 18.78
C GLY D 136 53.28 -0.43 18.78
N SER D 137 52.89 -1.41 17.96
CA SER D 137 53.37 -2.80 17.99
C SER D 137 53.45 -3.42 19.41
N ALA D 138 52.27 -3.62 20.00
CA ALA D 138 52.12 -4.40 21.23
C ALA D 138 51.08 -5.58 21.08
N ALA D 139 49.95 -5.51 21.81
CA ALA D 139 48.97 -6.63 21.98
C ALA D 139 48.29 -7.12 20.69
N GLN D 140 48.94 -8.04 19.95
CA GLN D 140 48.53 -8.40 18.58
C GLN D 140 48.00 -9.82 18.28
N THR D 141 48.67 -10.84 18.84
CA THR D 141 48.47 -12.25 18.41
C THR D 141 47.07 -12.85 18.70
N ASN D 142 46.08 -11.98 18.85
CA ASN D 142 44.68 -12.41 18.96
C ASN D 142 44.16 -12.75 17.57
N SER D 143 42.94 -13.30 17.51
CA SER D 143 42.28 -13.50 16.23
C SER D 143 42.13 -12.14 15.59
N MET D 144 41.97 -11.13 16.44
CA MET D 144 41.52 -9.82 15.98
C MET D 144 42.44 -8.67 16.33
N VAL D 145 43.02 -8.09 15.29
CA VAL D 145 43.67 -6.79 15.37
C VAL D 145 42.61 -5.73 15.09
N THR D 146 42.80 -4.53 15.66
CA THR D 146 41.85 -3.44 15.44
C THR D 146 42.58 -2.15 15.06
N LEU D 147 42.27 -1.63 13.88
CA LEU D 147 42.80 -0.33 13.47
C LEU D 147 41.67 0.64 13.23
N GLY D 148 42.00 1.75 12.58
CA GLY D 148 41.03 2.79 12.24
C GLY D 148 41.74 4.11 11.94
N CYS D 149 40.99 5.15 11.61
CA CYS D 149 41.63 6.46 11.45
C CYS D 149 40.80 7.67 11.83
N LEU D 150 41.44 8.83 11.81
CA LEU D 150 40.95 10.02 12.49
C LEU D 150 40.81 11.21 11.52
N VAL D 151 39.57 11.67 11.39
CA VAL D 151 39.21 12.80 10.55
C VAL D 151 39.16 14.03 11.41
N LYS D 152 40.13 14.94 11.26
CA LYS D 152 40.18 16.08 12.17
C LYS D 152 39.91 17.44 11.55
N GLY D 153 39.19 18.26 12.33
CA GLY D 153 39.09 19.72 12.13
C GLY D 153 38.56 20.18 10.79
N TYR D 154 37.27 19.98 10.56
CA TYR D 154 36.62 20.33 9.31
C TYR D 154 35.22 20.80 9.55
N PHE D 155 34.81 21.88 8.89
CA PHE D 155 33.40 22.26 8.95
C PHE D 155 32.57 21.55 7.89
N PRO D 156 31.35 22.03 7.64
CA PRO D 156 30.03 21.41 7.71
C PRO D 156 30.07 19.91 7.80
N GLU D 157 29.03 19.32 8.37
CA GLU D 157 28.84 17.89 8.28
C GLU D 157 28.04 17.55 7.02
N PRO D 158 28.13 16.31 6.51
CA PRO D 158 28.91 15.17 7.05
C PRO D 158 30.20 14.90 6.27
N VAL D 159 30.90 13.86 6.69
CA VAL D 159 31.91 13.23 5.85
C VAL D 159 31.39 11.82 5.50
N THR D 160 32.09 11.10 4.63
CA THR D 160 31.79 9.69 4.52
C THR D 160 33.04 8.90 4.70
N VAL D 161 32.93 7.85 5.51
CA VAL D 161 34.04 6.95 5.76
C VAL D 161 33.69 5.52 5.37
N THR D 162 34.58 4.89 4.60
CA THR D 162 34.52 3.45 4.33
C THR D 162 35.93 2.97 4.26
N TRP D 163 36.07 1.65 4.04
CA TRP D 163 37.36 0.97 4.01
C TRP D 163 37.46 0.03 2.81
N ASN D 164 38.61 0.09 2.14
CA ASN D 164 38.89 -0.60 0.85
C ASN D 164 37.76 -0.38 -0.13
N SER D 165 37.69 0.85 -0.63
CA SER D 165 36.45 1.45 -1.13
C SER D 165 35.12 0.80 -0.68
N GLY D 166 35.06 0.37 0.58
CA GLY D 166 33.81 -0.15 1.15
C GLY D 166 33.63 -1.66 1.13
N SER D 167 34.62 -2.39 0.62
CA SER D 167 34.56 -3.86 0.58
C SER D 167 34.54 -4.49 1.98
N LEU D 168 35.64 -4.42 2.71
CA LEU D 168 35.64 -4.82 4.11
C LEU D 168 35.16 -3.63 4.95
N SER D 169 33.88 -3.30 4.79
CA SER D 169 33.19 -2.31 5.62
C SER D 169 32.05 -2.99 6.43
N SER D 170 32.22 -4.27 6.76
CA SER D 170 31.22 -5.01 7.53
C SER D 170 31.51 -5.16 9.06
N GLY D 171 32.75 -4.95 9.47
CA GLY D 171 33.06 -4.92 10.89
C GLY D 171 33.48 -3.51 11.30
N VAL D 172 32.72 -2.50 10.88
CA VAL D 172 33.09 -1.10 11.13
C VAL D 172 32.16 -0.32 12.08
N HIS D 173 32.77 0.43 12.98
CA HIS D 173 32.12 1.47 13.74
C HIS D 173 32.58 2.85 13.28
N THR D 174 31.64 3.73 12.96
CA THR D 174 31.98 5.12 12.68
C THR D 174 31.32 6.07 13.69
N PHE D 175 32.14 6.81 14.42
CA PHE D 175 31.72 7.56 15.60
C PHE D 175 31.16 8.93 15.27
N PRO D 176 30.01 9.27 15.85
CA PRO D 176 29.43 10.57 15.64
C PRO D 176 30.50 11.62 15.84
N ALA D 177 30.56 12.58 14.92
CA ALA D 177 31.55 13.68 14.98
C ALA D 177 31.35 14.56 16.22
N VAL D 178 32.42 15.20 16.69
CA VAL D 178 32.26 16.15 17.79
C VAL D 178 32.78 17.57 17.46
N LEU D 179 32.05 18.59 17.87
CA LEU D 179 32.32 19.97 17.52
C LEU D 179 33.37 20.68 18.40
N GLN D 180 34.64 20.50 18.08
CA GLN D 180 35.75 21.08 18.84
C GLN D 180 36.02 22.55 18.45
N SER D 181 35.26 23.45 19.10
CA SER D 181 35.26 24.89 18.82
C SER D 181 35.50 25.29 17.34
N ASP D 182 34.37 25.40 16.64
CA ASP D 182 34.28 25.69 15.22
C ASP D 182 34.77 24.55 14.33
N LEU D 183 35.14 23.41 14.92
CA LEU D 183 35.64 22.32 14.09
C LEU D 183 35.24 20.93 14.53
N TYR D 184 34.73 20.17 13.56
CA TYR D 184 34.38 18.77 13.78
C TYR D 184 35.55 17.83 13.68
N THR D 185 35.53 16.82 14.53
CA THR D 185 36.51 15.77 14.50
C THR D 185 35.77 14.47 14.69
N LEU D 186 36.00 13.51 13.80
CA LEU D 186 35.50 12.16 14.00
C LEU D 186 36.58 11.07 13.76
N SER D 187 36.21 9.84 14.07
CA SER D 187 37.10 8.70 13.95
C SER D 187 36.26 7.44 13.62
N SER D 188 36.91 6.42 13.03
CA SER D 188 36.26 5.16 12.61
C SER D 188 37.14 3.95 13.00
N SER D 189 36.55 2.77 13.17
CA SER D 189 37.31 1.57 13.55
C SER D 189 36.93 0.24 12.86
N VAL D 190 37.87 -0.31 12.09
CA VAL D 190 37.73 -1.65 11.52
C VAL D 190 38.41 -2.70 12.39
N THR D 191 37.91 -3.93 12.30
CA THR D 191 38.51 -5.07 12.99
C THR D 191 38.74 -6.23 11.97
N VAL D 192 40.00 -6.52 11.64
CA VAL D 192 40.33 -7.56 10.67
C VAL D 192 41.28 -8.60 11.29
N PRO D 193 41.07 -9.90 10.98
CA PRO D 193 41.97 -10.96 11.48
C PRO D 193 43.48 -10.72 11.23
N SER D 194 44.28 -10.72 12.30
CA SER D 194 45.71 -10.34 12.23
C SER D 194 46.49 -10.89 11.02
N SER D 195 46.10 -12.08 10.58
CA SER D 195 46.53 -12.64 9.29
C SER D 195 46.36 -11.62 8.15
N THR D 196 45.11 -11.24 7.87
CA THR D 196 44.78 -10.28 6.79
C THR D 196 45.51 -8.93 6.80
N TRP D 197 45.79 -8.33 7.96
CA TRP D 197 46.37 -6.95 7.96
C TRP D 197 47.87 -6.74 7.79
N PRO D 198 48.68 -7.02 8.82
CA PRO D 198 49.99 -6.40 8.58
C PRO D 198 50.39 -6.60 7.12
N SER D 199 50.01 -7.76 6.54
CA SER D 199 50.37 -8.24 5.20
C SER D 199 49.45 -7.87 4.00
N GLU D 200 48.21 -7.42 4.24
CA GLU D 200 47.35 -6.88 3.14
C GLU D 200 46.67 -5.53 3.41
N THR D 201 46.96 -4.58 2.53
CA THR D 201 46.51 -3.20 2.59
C THR D 201 45.12 -2.94 3.14
N VAL D 202 45.04 -2.10 4.18
CA VAL D 202 43.77 -1.48 4.61
C VAL D 202 43.76 0.05 4.41
N THR D 203 43.07 0.46 3.36
CA THR D 203 42.89 1.85 3.00
C THR D 203 41.55 2.23 3.57
N CYS D 204 41.42 3.46 4.06
CA CYS D 204 40.07 3.98 4.22
C CYS D 204 39.82 5.21 3.38
N ASN D 205 38.56 5.45 3.06
CA ASN D 205 38.20 6.47 2.10
C ASN D 205 37.26 7.46 2.69
N VAL D 206 37.75 8.70 2.68
CA VAL D 206 37.14 9.79 3.36
C VAL D 206 36.77 10.82 2.32
N ALA D 207 35.56 11.37 2.48
CA ALA D 207 34.97 12.25 1.50
C ALA D 207 34.17 13.32 2.20
N HIS D 208 34.74 14.51 2.30
CA HIS D 208 34.04 15.70 2.81
C HIS D 208 33.55 16.58 1.66
N PRO D 209 32.35 16.24 1.11
CA PRO D 209 31.82 16.83 -0.12
C PRO D 209 31.67 18.32 -0.02
N ALA D 210 31.24 18.81 1.15
CA ALA D 210 31.05 20.24 1.38
C ALA D 210 32.30 21.11 1.07
N SER D 211 33.46 20.48 0.91
CA SER D 211 34.63 21.17 0.35
C SER D 211 35.13 20.36 -0.84
N SER D 212 34.27 19.44 -1.29
CA SER D 212 34.63 18.33 -2.18
C SER D 212 36.07 17.86 -1.95
N THR D 213 36.26 17.24 -0.80
CA THR D 213 37.49 16.56 -0.46
C THR D 213 37.19 15.07 -0.63
N LYS D 214 38.11 14.37 -1.30
CA LYS D 214 38.13 12.91 -1.29
C LYS D 214 39.57 12.52 -1.01
N VAL D 215 39.77 11.73 0.06
CA VAL D 215 41.11 11.29 0.48
C VAL D 215 41.11 9.79 0.78
N ASP D 216 42.21 9.15 0.42
CA ASP D 216 42.56 7.82 0.89
C ASP D 216 43.85 7.91 1.66
N LYS D 217 43.86 7.33 2.86
CA LYS D 217 45.10 7.09 3.62
C LYS D 217 45.08 5.62 4.02
N LYS D 218 46.15 4.91 3.70
CA LYS D 218 46.25 3.51 4.01
C LYS D 218 46.90 3.34 5.37
N ILE D 219 46.70 2.20 6.01
CA ILE D 219 47.30 1.99 7.34
C ILE D 219 48.53 1.06 7.41
N VAL D 220 49.69 1.70 7.48
CA VAL D 220 51.00 1.05 7.59
C VAL D 220 51.32 0.85 9.08
N PRO D 221 51.97 -0.27 9.46
CA PRO D 221 52.42 -0.31 10.88
C PRO D 221 53.77 0.42 11.07
N ARG D 222 54.18 0.63 12.33
CA ARG D 222 55.52 1.18 12.63
C ARG D 222 55.54 1.79 14.03
N ASP E 1 -1.80 27.20 24.82
CA ASP E 1 -1.00 26.03 24.34
C ASP E 1 -1.12 24.84 25.29
N ILE E 2 -1.45 23.66 24.72
CA ILE E 2 -1.38 22.36 25.44
C ILE E 2 0.02 21.72 25.27
N GLN E 3 0.59 21.23 26.37
CA GLN E 3 1.96 20.69 26.38
C GLN E 3 2.00 19.19 26.63
N MET E 4 2.75 18.46 25.81
CA MET E 4 2.92 17.02 25.93
C MET E 4 4.17 16.63 26.72
N THR E 5 4.04 15.58 27.54
CA THR E 5 5.10 15.11 28.44
C THR E 5 5.22 13.57 28.35
N GLN E 6 6.21 13.07 27.60
CA GLN E 6 6.34 11.61 27.38
C GLN E 6 6.97 10.86 28.55
N SER E 7 6.44 9.69 28.91
CA SER E 7 7.07 8.87 29.95
C SER E 7 7.82 7.65 29.39
N PRO E 8 8.65 6.99 30.20
CA PRO E 8 10.05 6.73 29.98
C PRO E 8 10.68 7.54 28.87
N ALA E 9 11.59 8.43 29.26
CA ALA E 9 12.32 9.27 28.31
C ALA E 9 13.12 8.35 27.42
N SER E 10 13.62 7.31 28.04
CA SER E 10 14.16 6.17 27.36
C SER E 10 13.93 4.95 28.23
N LEU E 11 14.03 3.80 27.60
CA LEU E 11 13.83 2.52 28.27
C LEU E 11 14.20 1.41 27.29
N SER E 12 14.52 0.26 27.86
CA SER E 12 14.94 -0.87 27.07
C SER E 12 14.32 -2.19 27.54
N ALA E 13 13.97 -3.02 26.57
CA ALA E 13 13.38 -4.34 26.80
C ALA E 13 14.00 -5.24 25.78
N SER E 14 13.79 -6.56 25.91
CA SER E 14 14.24 -7.47 24.86
C SER E 14 13.06 -8.00 24.07
N VAL E 15 13.35 -8.54 22.88
CA VAL E 15 12.38 -9.22 22.03
C VAL E 15 11.37 -10.05 22.83
N GLY E 16 10.08 -9.96 22.51
CA GLY E 16 9.08 -10.78 23.21
C GLY E 16 8.39 -10.13 24.40
N GLU E 17 9.07 -9.19 25.08
CA GLU E 17 8.45 -8.44 26.19
C GLU E 17 7.33 -7.52 25.69
N THR E 18 6.41 -7.14 26.57
CA THR E 18 5.35 -6.17 26.24
C THR E 18 5.62 -4.88 27.01
N VAL E 19 5.72 -3.76 26.32
CA VAL E 19 6.06 -2.51 27.02
C VAL E 19 5.11 -1.32 26.74
N THR E 20 4.99 -0.42 27.74
CA THR E 20 3.98 0.66 27.76
C THR E 20 4.61 2.06 27.83
N ILE E 21 4.18 2.96 26.95
CA ILE E 21 4.64 4.37 26.93
C ILE E 21 3.49 5.33 27.25
N THR E 22 3.60 6.13 28.31
CA THR E 22 2.59 7.16 28.59
C THR E 22 2.94 8.50 27.99
N CYS E 23 1.92 9.29 27.69
CA CYS E 23 2.11 10.63 27.20
C CYS E 23 0.92 11.46 27.70
N ARG E 24 1.23 12.48 28.49
CA ARG E 24 0.24 13.16 29.31
C ARG E 24 0.13 14.61 28.90
N ALA E 25 -1.10 15.09 28.76
CA ALA E 25 -1.36 16.40 28.20
C ALA E 25 -1.60 17.47 29.27
N SER E 26 -1.08 18.67 29.04
CA SER E 26 -1.27 19.78 29.98
C SER E 26 -2.74 20.22 30.05
N GLY E 27 -3.46 20.17 28.93
CA GLY E 27 -4.90 20.36 28.93
C GLY E 27 -5.61 19.10 28.45
N ASN E 28 -6.91 19.21 28.16
CA ASN E 28 -7.68 18.03 27.78
C ASN E 28 -7.85 17.86 26.27
N ILE E 29 -7.19 16.85 25.70
CA ILE E 29 -7.08 16.81 24.25
C ILE E 29 -8.20 16.05 23.55
N HIS E 30 -9.14 15.50 24.30
CA HIS E 30 -10.24 14.74 23.70
C HIS E 30 -9.85 13.76 22.60
N ASN E 31 -8.94 12.83 22.94
CA ASN E 31 -8.46 11.75 22.09
C ASN E 31 -7.91 12.22 20.77
N TYR E 32 -7.53 13.49 20.69
CA TYR E 32 -6.92 13.98 19.49
C TYR E 32 -5.41 13.72 19.51
N LEU E 33 -5.04 12.46 19.63
CA LEU E 33 -3.64 12.16 19.88
C LEU E 33 -3.08 11.15 18.89
N ALA E 34 -1.95 11.47 18.27
CA ALA E 34 -1.27 10.56 17.36
C ALA E 34 0.05 10.06 17.96
N TRP E 35 0.49 8.88 17.53
CA TRP E 35 1.81 8.39 17.91
C TRP E 35 2.65 8.11 16.67
N TYR E 36 3.94 8.44 16.69
CA TYR E 36 4.80 8.12 15.54
C TYR E 36 5.98 7.24 15.89
N GLN E 37 6.62 6.68 14.88
CA GLN E 37 7.78 5.82 15.07
C GLN E 37 8.88 6.36 14.21
N GLN E 38 10.09 6.28 14.73
CA GLN E 38 11.24 6.73 14.00
C GLN E 38 12.34 5.76 14.31
N LYS E 39 12.70 4.97 13.30
CA LYS E 39 13.95 4.21 13.29
C LYS E 39 15.05 5.17 12.81
N GLN E 40 16.31 4.89 13.11
CA GLN E 40 17.33 5.90 12.86
C GLN E 40 17.63 6.18 11.41
N GLY E 41 18.20 7.37 11.15
CA GLY E 41 18.51 7.84 9.81
C GLY E 41 17.26 8.15 9.02
N LYS E 42 16.12 7.66 9.51
CA LYS E 42 14.85 7.66 8.79
C LYS E 42 13.84 8.67 9.37
N SER E 43 12.85 9.04 8.59
CA SER E 43 11.82 9.98 9.08
C SER E 43 10.74 9.23 9.86
N PRO E 44 9.89 9.96 10.62
CA PRO E 44 8.84 9.40 11.45
C PRO E 44 7.69 8.81 10.66
N GLN E 45 6.87 7.97 11.27
CA GLN E 45 5.72 7.45 10.57
C GLN E 45 4.49 7.23 11.42
N LEU E 46 3.35 7.63 10.88
CA LEU E 46 2.09 7.45 11.60
C LEU E 46 1.92 6.03 12.15
N LEU E 47 1.45 5.95 13.37
CA LEU E 47 1.32 4.68 14.03
C LEU E 47 -0.07 4.50 14.64
N VAL E 48 -0.52 5.47 15.42
CA VAL E 48 -1.90 5.52 15.90
C VAL E 48 -2.46 6.96 15.72
N TYR E 49 -3.78 7.13 15.75
CA TYR E 49 -4.35 8.48 15.78
C TYR E 49 -5.66 8.36 16.55
N ASN E 50 -6.30 9.47 16.90
CA ASN E 50 -7.49 9.36 17.73
C ASN E 50 -7.28 8.48 18.96
N ALA E 51 -6.01 8.35 19.39
CA ALA E 51 -5.58 7.53 20.55
C ALA E 51 -5.61 6.02 20.30
N LYS E 52 -6.71 5.52 19.73
CA LYS E 52 -6.95 4.09 19.61
C LYS E 52 -6.77 3.50 18.21
N THR E 53 -7.06 4.27 17.18
CA THR E 53 -7.11 3.72 15.83
C THR E 53 -5.74 3.49 15.22
N LEU E 54 -5.51 2.24 14.78
CA LEU E 54 -4.31 1.82 14.04
C LEU E 54 -4.28 2.24 12.60
N ALA E 55 -3.20 2.91 12.21
CA ALA E 55 -3.01 3.29 10.80
C ALA E 55 -2.67 2.05 10.00
N ASP E 56 -3.09 2.02 8.75
CA ASP E 56 -2.91 0.84 7.86
C ASP E 56 -1.43 0.45 7.83
N GLY E 57 -1.12 -0.83 7.63
CA GLY E 57 0.27 -1.25 7.71
C GLY E 57 0.82 -1.51 9.10
N VAL E 58 0.41 -0.75 10.10
CA VAL E 58 0.92 -0.99 11.44
C VAL E 58 0.36 -2.28 12.05
N PRO E 59 1.25 -3.23 12.43
CA PRO E 59 0.92 -4.50 13.09
C PRO E 59 -0.03 -4.36 14.26
N SER E 60 -0.75 -5.40 14.58
CA SER E 60 -1.73 -5.31 15.66
C SER E 60 -1.16 -5.53 17.05
N ARG E 61 0.15 -5.74 17.18
CA ARG E 61 0.76 -5.90 18.50
C ARG E 61 0.93 -4.52 19.17
N PHE E 62 0.76 -3.49 18.35
CA PHE E 62 0.64 -2.11 18.79
C PHE E 62 -0.82 -1.78 19.21
N SER E 63 -1.11 -1.70 20.49
CA SER E 63 -2.42 -1.19 20.88
C SER E 63 -2.26 0.31 21.14
N GLY E 64 -3.11 0.90 22.00
CA GLY E 64 -3.11 2.35 22.28
C GLY E 64 -4.41 2.81 22.90
N SER E 65 -4.32 3.36 24.11
CA SER E 65 -5.50 3.65 24.92
C SER E 65 -5.38 5.01 25.58
N GLY E 66 -6.49 5.45 26.19
CA GLY E 66 -6.49 6.72 26.94
C GLY E 66 -7.71 7.59 26.75
N SER E 67 -7.81 8.60 27.60
CA SER E 67 -8.86 9.61 27.49
C SER E 67 -8.36 10.89 28.13
N GLY E 68 -9.20 11.93 28.09
CA GLY E 68 -8.93 13.19 28.80
C GLY E 68 -7.49 13.69 28.73
N THR E 69 -6.69 13.28 29.73
CA THR E 69 -5.30 13.74 29.87
C THR E 69 -4.29 12.61 29.74
N GLN E 70 -4.54 11.47 30.40
CA GLN E 70 -3.60 10.35 30.35
C GLN E 70 -3.85 9.50 29.12
N TYR E 71 -2.89 9.47 28.20
CA TYR E 71 -2.99 8.59 27.04
C TYR E 71 -1.74 7.75 26.96
N SER E 72 -1.86 6.54 26.39
CA SER E 72 -0.71 5.63 26.27
C SER E 72 -0.73 4.72 25.03
N LEU E 73 0.45 4.22 24.70
CA LEU E 73 0.67 3.29 23.59
C LEU E 73 1.42 2.05 24.12
N LYS E 74 1.01 0.88 23.66
CA LYS E 74 1.41 -0.37 24.28
C LYS E 74 1.81 -1.31 23.18
N ILE E 75 3.07 -1.75 23.22
CA ILE E 75 3.55 -2.67 22.21
C ILE E 75 3.70 -4.03 22.85
N ASN E 76 2.93 -4.99 22.35
CA ASN E 76 3.00 -6.37 22.83
C ASN E 76 4.08 -7.19 22.11
N SER E 77 4.81 -8.02 22.88
CA SER E 77 5.82 -8.94 22.33
C SER E 77 6.61 -8.32 21.16
N LEU E 78 7.62 -7.56 21.54
CA LEU E 78 8.39 -6.70 20.66
C LEU E 78 9.16 -7.48 19.61
N GLN E 79 9.78 -6.75 18.67
CA GLN E 79 10.54 -7.37 17.59
C GLN E 79 11.56 -6.45 16.95
N PRO E 80 12.69 -7.00 16.51
CA PRO E 80 13.80 -6.17 16.03
C PRO E 80 13.39 -4.80 15.48
N GLU E 81 12.52 -4.78 14.47
CA GLU E 81 12.14 -3.53 13.82
C GLU E 81 11.49 -2.58 14.79
N ASP E 82 10.76 -3.11 15.77
CA ASP E 82 10.10 -2.29 16.78
C ASP E 82 11.02 -1.40 17.63
N PHE E 83 12.32 -1.56 17.51
CA PHE E 83 13.20 -0.75 18.32
C PHE E 83 13.59 0.53 17.61
N GLY E 84 13.63 1.61 18.37
CA GLY E 84 13.85 2.95 17.85
C GLY E 84 13.07 3.94 18.70
N SER E 85 12.97 5.19 18.27
CA SER E 85 12.22 6.20 19.01
C SER E 85 10.70 6.26 18.72
N TYR E 86 9.94 6.83 19.67
CA TYR E 86 8.50 6.98 19.57
C TYR E 86 8.08 8.32 20.09
N TYR E 87 7.30 9.04 19.27
CA TYR E 87 6.75 10.34 19.66
C TYR E 87 5.24 10.45 19.70
N CYS E 88 4.69 11.17 20.66
CA CYS E 88 3.28 11.54 20.61
C CYS E 88 3.10 13.01 20.31
N GLN E 89 1.99 13.33 19.66
CA GLN E 89 1.68 14.69 19.25
C GLN E 89 0.17 14.85 19.26
N HIS E 90 -0.32 15.98 19.77
CA HIS E 90 -1.77 16.18 19.98
C HIS E 90 -2.35 17.02 18.85
N PHE E 91 -3.68 17.01 18.74
CA PHE E 91 -4.40 17.57 17.60
C PHE E 91 -5.68 18.29 18.02
N TRP E 92 -5.74 18.71 19.28
CA TRP E 92 -6.90 19.45 19.76
C TRP E 92 -6.73 20.97 19.49
N SER E 93 -5.60 21.56 19.85
CA SER E 93 -5.42 22.98 19.62
C SER E 93 -4.23 23.26 18.72
N THR E 94 -4.09 24.51 18.30
CA THR E 94 -3.25 24.71 17.14
C THR E 94 -1.72 24.81 17.24
N PRO E 95 -1.15 25.35 18.34
CA PRO E 95 0.22 24.81 18.39
C PRO E 95 0.04 23.33 18.81
N ARG E 96 0.30 22.41 17.89
CA ARG E 96 0.13 21.00 18.20
C ARG E 96 1.47 20.37 18.52
N THR E 97 1.78 20.41 19.80
CA THR E 97 3.10 20.13 20.34
C THR E 97 3.47 18.64 20.36
N PHE E 98 4.76 18.34 20.37
CA PHE E 98 5.24 16.96 20.49
C PHE E 98 5.65 16.56 21.90
N GLY E 99 5.62 15.25 22.15
CA GLY E 99 6.17 14.71 23.38
C GLY E 99 7.69 14.74 23.31
N GLY E 100 8.33 14.59 24.47
CA GLY E 100 9.79 14.59 24.53
C GLY E 100 10.40 13.56 23.59
N GLY E 101 9.77 12.39 23.53
CA GLY E 101 10.21 11.29 22.71
C GLY E 101 10.62 10.17 23.61
N THR E 102 10.43 8.93 23.14
CA THR E 102 10.91 7.74 23.88
C THR E 102 11.87 6.86 23.09
N LYS E 103 13.03 6.60 23.70
CA LYS E 103 14.07 5.80 23.12
C LYS E 103 13.93 4.40 23.62
N LEU E 104 13.65 3.50 22.68
CA LEU E 104 13.52 2.09 22.99
C LEU E 104 14.70 1.35 22.40
N GLU E 105 15.56 0.88 23.29
CA GLU E 105 16.76 0.19 22.89
C GLU E 105 16.55 -1.26 23.28
N ILE E 106 17.29 -2.18 22.68
CA ILE E 106 17.07 -3.62 22.95
C ILE E 106 18.06 -4.21 23.94
N LYS E 107 17.49 -4.84 24.96
CA LYS E 107 18.19 -5.56 26.04
C LYS E 107 18.99 -6.77 25.55
N ARG E 108 19.95 -7.22 26.34
CA ARG E 108 21.02 -8.05 25.79
C ARG E 108 22.01 -8.40 26.90
N ALA E 109 22.59 -9.60 26.83
CA ALA E 109 23.50 -10.06 27.88
C ALA E 109 24.76 -9.19 27.93
N ASP E 110 25.23 -8.86 29.14
CA ASP E 110 26.43 -8.03 29.31
C ASP E 110 27.61 -8.34 28.38
N ALA E 111 28.43 -7.33 28.11
CA ALA E 111 29.63 -7.50 27.29
C ALA E 111 30.68 -6.60 27.87
N ALA E 112 31.91 -7.09 27.99
CA ALA E 112 33.06 -6.20 28.23
C ALA E 112 33.49 -5.53 26.90
N PRO E 113 34.18 -4.38 26.95
CA PRO E 113 34.55 -3.67 25.73
C PRO E 113 35.91 -4.07 25.17
N THR E 114 36.11 -3.95 23.85
CA THR E 114 37.41 -4.27 23.25
C THR E 114 38.21 -2.98 23.12
N VAL E 115 39.31 -2.91 23.87
CA VAL E 115 40.02 -1.64 24.04
C VAL E 115 41.30 -1.59 23.24
N SER E 116 41.42 -0.56 22.42
CA SER E 116 42.58 -0.38 21.55
C SER E 116 42.95 1.10 21.60
N ILE E 117 44.16 1.41 22.04
CA ILE E 117 44.63 2.78 22.11
C ILE E 117 45.62 2.96 20.97
N PHE E 118 45.73 4.18 20.44
CA PHE E 118 46.62 4.46 19.31
C PHE E 118 47.41 5.73 19.48
N PRO E 119 48.72 5.70 19.16
CA PRO E 119 49.52 6.91 19.33
C PRO E 119 49.13 7.93 18.25
N PRO E 120 49.63 9.17 18.37
CA PRO E 120 49.37 10.04 17.24
C PRO E 120 50.15 9.57 16.02
N SER E 121 49.51 9.62 14.86
CA SER E 121 50.15 9.50 13.57
C SER E 121 51.24 10.55 13.42
N SER E 122 52.28 10.24 12.66
CA SER E 122 53.37 11.23 12.47
C SER E 122 52.99 12.35 11.51
N GLU E 123 52.10 12.04 10.55
CA GLU E 123 51.45 13.04 9.72
C GLU E 123 51.01 14.21 10.59
N GLN E 124 50.16 13.92 11.58
CA GLN E 124 49.63 14.95 12.49
C GLN E 124 50.74 15.68 13.26
N LEU E 125 51.78 14.94 13.63
CA LEU E 125 52.76 15.52 14.53
C LEU E 125 53.53 16.66 13.89
N THR E 126 53.66 16.60 12.56
CA THR E 126 54.36 17.64 11.77
C THR E 126 53.66 18.98 11.92
N SER E 127 52.33 18.95 11.85
CA SER E 127 51.55 20.15 12.04
C SER E 127 51.60 20.57 13.50
N GLY E 128 52.00 19.65 14.38
CA GLY E 128 52.19 19.98 15.80
C GLY E 128 50.97 19.71 16.66
N GLY E 129 50.05 18.94 16.12
CA GLY E 129 48.96 18.40 16.91
C GLY E 129 49.35 17.02 17.39
N ALA E 130 48.82 16.64 18.54
CA ALA E 130 49.01 15.30 19.05
C ALA E 130 47.68 14.81 19.53
N SER E 131 47.16 13.78 18.86
CA SER E 131 45.90 13.17 19.23
C SER E 131 46.07 11.69 19.54
N VAL E 132 45.98 11.36 20.83
CA VAL E 132 45.87 9.99 21.27
C VAL E 132 44.41 9.54 21.21
N VAL E 133 44.18 8.40 20.55
CA VAL E 133 42.84 7.84 20.44
C VAL E 133 42.73 6.54 21.22
N CYS E 134 41.55 6.28 21.75
CA CYS E 134 41.29 5.05 22.43
C CYS E 134 39.86 4.63 22.13
N PHE E 135 39.70 3.46 21.49
CA PHE E 135 38.39 2.86 21.19
C PHE E 135 37.99 1.87 22.25
N LEU E 136 36.75 2.03 22.69
CA LEU E 136 36.08 1.08 23.54
C LEU E 136 34.97 0.53 22.67
N ASN E 137 35.12 -0.73 22.25
CA ASN E 137 34.23 -1.34 21.28
C ASN E 137 33.38 -2.51 21.77
N ASN E 138 32.10 -2.49 21.37
CA ASN E 138 31.12 -3.58 21.56
C ASN E 138 30.97 -4.03 22.99
N PHE E 139 30.21 -3.29 23.76
CA PHE E 139 30.05 -3.62 25.15
C PHE E 139 28.61 -3.35 25.43
N TYR E 140 28.16 -3.89 26.55
CA TYR E 140 26.82 -3.66 27.03
C TYR E 140 26.85 -3.96 28.51
N PRO E 141 26.06 -3.21 29.32
CA PRO E 141 25.16 -2.11 28.92
C PRO E 141 25.80 -0.76 28.52
N LYS E 142 24.91 0.17 28.18
CA LYS E 142 25.19 1.44 27.47
C LYS E 142 26.36 2.32 27.98
N ASP E 143 26.62 2.29 29.28
CA ASP E 143 27.49 3.30 29.88
C ASP E 143 28.75 2.81 30.55
N ILE E 144 29.86 3.34 30.04
CA ILE E 144 31.18 3.11 30.51
C ILE E 144 31.67 4.42 31.09
N ASN E 145 32.84 4.37 31.71
CA ASN E 145 33.62 5.54 32.05
C ASN E 145 35.03 5.37 31.45
N VAL E 146 35.60 6.43 30.85
CA VAL E 146 37.00 6.42 30.40
C VAL E 146 37.83 7.35 31.29
N LYS E 147 39.14 7.22 31.29
CA LYS E 147 39.98 8.25 31.87
C LYS E 147 41.43 8.06 31.47
N TRP E 148 42.07 9.15 31.06
CA TRP E 148 43.42 9.12 30.51
C TRP E 148 44.46 9.21 31.58
N LYS E 149 45.72 8.94 31.23
CA LYS E 149 46.83 9.06 32.17
C LYS E 149 48.16 9.29 31.47
N ILE E 150 48.95 10.21 32.04
CA ILE E 150 50.22 10.61 31.50
C ILE E 150 51.29 10.34 32.56
N ASP E 151 52.04 9.26 32.37
CA ASP E 151 53.05 8.86 33.34
C ASP E 151 52.47 8.71 34.75
N GLY E 152 51.36 7.98 34.85
CA GLY E 152 50.81 7.65 36.14
C GLY E 152 49.54 8.40 36.48
N SER E 153 49.60 9.73 36.44
CA SER E 153 48.47 10.53 36.95
C SER E 153 47.43 10.99 35.92
N GLU E 154 46.18 11.09 36.38
CA GLU E 154 45.01 11.33 35.52
C GLU E 154 45.10 12.64 34.77
N ARG E 155 44.67 12.62 33.52
CA ARG E 155 44.53 13.84 32.73
C ARG E 155 43.08 13.93 32.27
N GLN E 156 42.46 15.08 32.48
CA GLN E 156 41.02 15.16 32.34
C GLN E 156 40.62 16.38 31.49
N ASN E 157 41.50 16.78 30.57
CA ASN E 157 41.38 18.10 29.93
C ASN E 157 41.05 18.06 28.44
N GLY E 158 42.04 17.76 27.59
CA GLY E 158 41.81 17.82 26.15
C GLY E 158 40.93 16.72 25.57
N VAL E 159 40.02 16.19 26.39
CA VAL E 159 39.31 14.95 26.07
C VAL E 159 37.96 15.20 25.44
N LEU E 160 37.70 14.49 24.34
CA LEU E 160 36.43 14.55 23.64
C LEU E 160 35.99 13.13 23.30
N ASN E 161 34.71 12.86 23.55
CA ASN E 161 34.15 11.51 23.46
C ASN E 161 32.91 11.44 22.62
N SER E 162 32.67 10.33 21.93
CA SER E 162 31.34 10.08 21.33
C SER E 162 30.94 8.62 21.32
N TRP E 163 29.66 8.40 21.52
CA TRP E 163 29.09 7.07 21.57
C TRP E 163 28.37 6.73 20.26
N THR E 164 28.17 5.45 20.00
CA THR E 164 27.37 5.03 18.88
C THR E 164 26.04 4.56 19.40
N ASP E 165 25.05 4.57 18.52
CA ASP E 165 23.74 4.02 18.80
C ASP E 165 23.80 2.52 18.82
N GLN E 166 22.84 1.93 19.51
CA GLN E 166 22.84 0.49 19.63
C GLN E 166 23.16 -0.11 18.29
N ASP E 167 24.10 -1.03 18.27
CA ASP E 167 24.48 -1.64 17.02
C ASP E 167 23.33 -2.49 16.49
N SER E 168 22.90 -2.22 15.26
CA SER E 168 21.68 -2.88 14.70
C SER E 168 21.80 -4.39 14.48
N LYS E 169 23.03 -4.89 14.39
CA LYS E 169 23.26 -6.34 14.22
C LYS E 169 23.45 -7.10 15.54
N ASP E 170 24.40 -6.68 16.38
CA ASP E 170 24.74 -7.41 17.62
C ASP E 170 24.28 -6.74 18.92
N SER E 171 23.60 -5.59 18.79
CA SER E 171 22.99 -4.87 19.93
C SER E 171 23.94 -4.30 21.01
N THR E 172 25.23 -4.16 20.68
CA THR E 172 26.21 -3.58 21.61
C THR E 172 26.25 -2.09 21.37
N TYR E 173 26.94 -1.38 22.27
CA TYR E 173 27.36 0.00 22.01
C TYR E 173 28.85 -0.02 22.01
N SER E 174 29.43 1.03 21.44
CA SER E 174 30.87 1.26 21.48
C SER E 174 31.16 2.73 21.41
N MET E 175 32.37 3.11 21.82
CA MET E 175 32.68 4.52 22.08
C MET E 175 34.17 4.89 21.90
N SER E 176 34.42 5.92 21.09
CA SER E 176 35.74 6.53 20.89
C SER E 176 36.02 7.59 21.94
N SER E 177 37.30 7.79 22.28
CA SER E 177 37.73 8.87 23.17
C SER E 177 39.10 9.39 22.72
N THR E 178 39.26 10.72 22.69
CA THR E 178 40.46 11.38 22.11
C THR E 178 41.05 12.50 22.96
N LEU E 179 42.15 12.20 23.62
CA LEU E 179 42.92 13.23 24.29
C LEU E 179 43.74 13.99 23.24
N THR E 180 43.58 15.30 23.19
CA THR E 180 44.33 16.12 22.25
C THR E 180 45.24 17.08 23.00
N LEU E 181 46.52 17.02 22.66
CA LEU E 181 47.58 17.90 23.20
C LEU E 181 48.27 18.61 22.04
N THR E 182 49.15 19.57 22.35
CA THR E 182 50.04 20.13 21.34
C THR E 182 51.24 19.21 21.31
N LYS E 183 51.98 19.22 20.20
CA LYS E 183 53.14 18.34 20.01
C LYS E 183 54.11 18.42 21.16
N ASP E 184 54.44 19.63 21.59
CA ASP E 184 55.43 19.82 22.63
C ASP E 184 54.94 19.24 23.94
N GLU E 185 53.71 19.58 24.31
CA GLU E 185 53.08 19.00 25.48
C GLU E 185 53.12 17.48 25.42
N TYR E 186 52.91 16.97 24.21
CA TYR E 186 52.98 15.54 23.99
C TYR E 186 54.33 14.96 24.38
N GLU E 187 55.37 15.29 23.62
CA GLU E 187 56.69 14.70 23.84
C GLU E 187 57.35 15.28 25.07
N ARG E 188 56.59 15.45 26.13
CA ARG E 188 57.14 15.85 27.40
C ARG E 188 56.97 14.71 28.36
N HIS E 189 56.50 13.59 27.83
CA HIS E 189 55.99 12.53 28.67
C HIS E 189 56.05 11.17 28.00
N ASN E 190 56.32 10.13 28.78
CA ASN E 190 56.46 8.82 28.22
C ASN E 190 55.20 7.96 28.12
N SER E 191 54.53 7.75 29.24
CA SER E 191 53.48 6.75 29.30
C SER E 191 52.04 7.31 29.21
N TYR E 192 51.40 7.03 28.08
CA TYR E 192 50.04 7.41 27.82
C TYR E 192 49.17 6.17 27.98
N THR E 193 48.25 6.24 28.95
CA THR E 193 47.44 5.11 29.40
C THR E 193 45.98 5.44 29.30
N CYS E 194 45.22 4.53 28.69
CA CYS E 194 43.75 4.61 28.57
C CYS E 194 43.13 3.61 29.57
N GLU E 195 42.12 4.01 30.33
CA GLU E 195 41.55 3.10 31.32
C GLU E 195 40.03 3.03 31.22
N ALA E 196 39.50 1.86 30.93
CA ALA E 196 38.04 1.72 30.83
C ALA E 196 37.44 1.07 32.06
N THR E 197 36.49 1.73 32.69
CA THR E 197 35.80 1.14 33.84
C THR E 197 34.37 0.80 33.49
N HIS E 198 34.06 -0.50 33.55
CA HIS E 198 32.75 -1.01 33.14
C HIS E 198 32.06 -1.83 34.24
N LYS E 199 30.82 -2.26 33.96
CA LYS E 199 30.06 -3.10 34.88
C LYS E 199 30.63 -4.48 34.78
N THR E 200 31.09 -4.86 33.59
CA THR E 200 31.63 -6.19 33.35
C THR E 200 32.93 -6.49 34.12
N SER E 201 33.52 -5.48 34.74
CA SER E 201 34.58 -5.70 35.71
C SER E 201 34.64 -4.56 36.69
N THR E 202 35.00 -4.86 37.93
CA THR E 202 35.09 -3.85 39.00
C THR E 202 36.50 -3.27 39.07
N SER E 203 37.42 -3.89 38.34
CA SER E 203 38.68 -3.23 38.03
C SER E 203 38.76 -2.89 36.53
N PRO E 204 39.35 -1.73 36.21
CA PRO E 204 39.31 -1.27 34.84
C PRO E 204 40.25 -2.04 33.94
N ILE E 205 39.84 -2.19 32.69
CA ILE E 205 40.69 -2.61 31.59
C ILE E 205 41.67 -1.49 31.24
N VAL E 206 42.97 -1.78 31.26
CA VAL E 206 44.03 -0.79 30.99
C VAL E 206 44.85 -1.12 29.75
N LYS E 207 44.85 -0.19 28.79
CA LYS E 207 45.72 -0.27 27.63
C LYS E 207 46.56 1.01 27.51
N SER E 208 47.82 0.90 27.08
CA SER E 208 48.72 2.05 27.02
C SER E 208 50.03 1.78 26.27
N PHE E 209 50.70 2.83 25.83
CA PHE E 209 52.05 2.69 25.27
C PHE E 209 53.04 3.61 25.99
N ASN E 210 54.33 3.36 25.77
CA ASN E 210 55.40 4.25 26.19
C ASN E 210 55.99 4.92 24.96
N ARG E 211 56.17 6.23 25.05
CA ARG E 211 56.26 7.08 23.85
C ARG E 211 57.36 6.72 22.85
N ASN E 212 58.28 5.87 23.28
CA ASN E 212 59.43 5.51 22.48
C ASN E 212 59.45 4.07 21.90
N GLU E 213 58.33 3.60 21.32
CA GLU E 213 58.22 2.22 20.74
C GLU E 213 58.87 2.06 19.34
N CYS E 214 58.31 1.12 18.53
CA CYS E 214 58.74 0.88 17.12
C CYS E 214 57.57 0.45 16.12
N SER F 149 -32.66 31.62 9.24
CA SER F 149 -32.27 32.96 8.75
C SER F 149 -30.74 33.13 8.79
N ILE F 150 -30.11 32.67 9.87
CA ILE F 150 -28.63 32.61 9.96
C ILE F 150 -28.05 31.65 8.94
N LEU F 151 -28.86 30.70 8.50
CA LEU F 151 -28.42 29.70 7.54
C LEU F 151 -28.08 30.39 6.24
N ASP F 152 -28.36 31.67 6.22
CA ASP F 152 -28.15 32.47 5.04
C ASP F 152 -26.88 33.29 5.10
N ILE F 153 -26.42 33.63 6.29
CA ILE F 153 -25.12 34.29 6.41
C ILE F 153 -24.01 33.28 6.13
N LYS F 154 -23.48 33.34 4.92
CA LYS F 154 -22.29 32.58 4.53
C LYS F 154 -21.22 33.59 4.18
N GLN F 155 -19.96 33.18 4.25
CA GLN F 155 -18.89 34.14 4.08
C GLN F 155 -18.77 34.60 2.64
N GLY F 156 -18.96 35.91 2.43
CA GLY F 156 -18.92 36.56 1.13
C GLY F 156 -17.79 36.15 0.19
N PRO F 157 -17.65 36.85 -0.96
CA PRO F 157 -16.82 36.26 -2.03
C PRO F 157 -15.36 36.66 -1.84
N LYS F 158 -15.18 37.94 -1.48
CA LYS F 158 -13.94 38.57 -1.01
C LYS F 158 -14.31 39.38 0.25
N GLU F 159 -14.95 38.72 1.21
CA GLU F 159 -15.24 39.33 2.51
C GLU F 159 -14.15 38.92 3.50
N SER F 160 -13.68 39.89 4.29
CA SER F 160 -12.74 39.60 5.36
C SER F 160 -13.42 38.62 6.30
N PHE F 161 -12.62 37.75 6.89
CA PHE F 161 -13.18 36.79 7.81
C PHE F 161 -13.93 37.52 8.92
N ARG F 162 -13.34 38.57 9.46
CA ARG F 162 -13.99 39.33 10.51
C ARG F 162 -15.37 39.83 10.12
N ASP F 163 -15.44 40.59 9.03
CA ASP F 163 -16.70 41.14 8.58
C ASP F 163 -17.77 40.03 8.65
N TYR F 164 -17.46 38.86 8.08
CA TYR F 164 -18.36 37.70 8.12
C TYR F 164 -18.78 37.32 9.53
N VAL F 165 -17.80 37.15 10.43
CA VAL F 165 -18.07 36.83 11.85
C VAL F 165 -19.04 37.84 12.45
N ASP F 166 -18.81 39.12 12.21
CA ASP F 166 -19.71 40.12 12.78
C ASP F 166 -21.10 39.98 12.14
N ARG F 167 -21.16 39.96 10.82
CA ARG F 167 -22.41 39.71 10.15
C ARG F 167 -23.12 38.55 10.81
N PHE F 168 -22.43 37.42 10.89
CA PHE F 168 -22.95 36.20 11.52
C PHE F 168 -23.44 36.38 12.96
N PHE F 169 -22.68 37.11 13.77
CA PHE F 169 -23.00 37.24 15.20
C PHE F 169 -24.15 38.18 15.49
N LYS F 170 -24.31 39.21 14.66
CA LYS F 170 -25.42 40.14 14.77
C LYS F 170 -26.71 39.41 14.42
N THR F 171 -26.65 38.58 13.39
CA THR F 171 -27.77 37.73 13.00
C THR F 171 -28.15 36.75 14.09
N LEU F 172 -27.15 36.04 14.60
CA LEU F 172 -27.38 34.94 15.55
C LEU F 172 -28.15 35.38 16.77
N ARG F 173 -27.95 36.62 17.18
CA ARG F 173 -28.68 37.17 18.30
C ARG F 173 -30.18 37.29 18.00
N ALA F 174 -30.53 37.82 16.82
CA ALA F 174 -31.93 37.93 16.40
C ALA F 174 -32.70 36.60 16.44
N GLU F 175 -32.06 35.54 15.93
CA GLU F 175 -32.64 34.20 15.77
C GLU F 175 -33.38 33.57 16.97
N GLN F 176 -34.56 33.00 16.72
CA GLN F 176 -35.27 32.19 17.73
C GLN F 176 -34.65 30.81 17.89
N CYS F 177 -33.81 30.65 18.92
CA CYS F 177 -33.20 29.36 19.26
C CYS F 177 -32.82 29.18 20.73
N THR F 178 -32.96 27.96 21.24
CA THR F 178 -32.47 27.59 22.58
C THR F 178 -30.98 27.91 22.66
N GLN F 179 -30.51 28.62 23.70
CA GLN F 179 -29.06 28.96 23.79
C GLN F 179 -28.15 27.76 23.54
N ASP F 180 -28.33 26.71 24.34
CA ASP F 180 -27.57 25.50 24.14
C ASP F 180 -27.28 25.25 22.67
N VAL F 181 -28.34 25.24 21.86
CA VAL F 181 -28.25 25.07 20.42
C VAL F 181 -27.37 26.16 19.80
N LYS F 182 -27.73 27.42 20.08
CA LYS F 182 -27.03 28.58 19.52
C LYS F 182 -25.51 28.52 19.75
N ASN F 183 -25.10 28.19 20.98
CA ASN F 183 -23.69 28.03 21.31
C ASN F 183 -23.02 27.08 20.37
N TRP F 184 -23.66 25.94 20.18
CA TRP F 184 -23.18 24.91 19.30
C TRP F 184 -23.27 25.36 17.84
N MET F 185 -24.18 26.27 17.53
CA MET F 185 -24.24 26.80 16.18
C MET F 185 -22.98 27.62 15.92
N THR F 186 -22.62 28.44 16.89
CA THR F 186 -21.33 29.14 16.90
C THR F 186 -20.14 28.20 16.59
N ASP F 187 -20.11 27.01 17.19
CA ASP F 187 -19.02 26.08 16.96
C ASP F 187 -19.09 25.40 15.57
N THR F 188 -20.25 24.86 15.21
CA THR F 188 -20.38 24.13 13.95
C THR F 188 -20.65 25.01 12.72
N LEU F 189 -21.76 25.75 12.76
CA LEU F 189 -22.28 26.47 11.59
C LEU F 189 -21.31 27.53 11.08
N LEU F 190 -20.82 28.36 11.99
CA LEU F 190 -19.86 29.41 11.64
C LEU F 190 -18.73 28.88 10.74
N VAL F 191 -18.15 27.76 11.16
CA VAL F 191 -17.08 27.11 10.41
C VAL F 191 -17.58 26.77 9.03
N GLN F 192 -18.70 26.06 9.01
CA GLN F 192 -19.27 25.45 7.82
C GLN F 192 -19.54 26.53 6.81
N ASN F 193 -20.05 27.65 7.31
CA ASN F 193 -20.46 28.73 6.44
C ASN F 193 -19.34 29.66 6.02
N ALA F 194 -18.14 29.43 6.55
CA ALA F 194 -16.98 30.17 6.08
C ALA F 194 -16.65 29.72 4.66
N ASN F 195 -15.88 30.54 3.98
CA ASN F 195 -15.51 30.28 2.62
C ASN F 195 -14.58 29.08 2.59
N PRO F 196 -14.54 28.39 1.43
CA PRO F 196 -14.09 26.99 1.35
C PRO F 196 -12.62 26.82 1.65
N ASP F 197 -11.81 27.87 1.50
CA ASP F 197 -10.38 27.71 1.68
C ASP F 197 -10.00 27.91 3.14
N CYS F 198 -10.53 28.99 3.68
CA CYS F 198 -10.47 29.24 5.08
C CYS F 198 -11.03 28.03 5.81
N LYS F 199 -12.03 27.37 5.23
CA LYS F 199 -12.50 26.11 5.82
C LYS F 199 -11.34 25.14 5.99
N THR F 200 -10.45 25.02 5.00
CA THR F 200 -9.39 23.98 5.09
C THR F 200 -8.40 24.14 6.23
N ILE F 201 -8.11 25.40 6.57
CA ILE F 201 -7.17 25.73 7.65
C ILE F 201 -7.81 25.81 9.02
N LEU F 202 -9.11 26.09 9.08
CA LEU F 202 -9.85 25.99 10.33
C LEU F 202 -10.08 24.52 10.69
N ARG F 203 -10.24 23.71 9.64
CA ARG F 203 -10.21 22.27 9.72
C ARG F 203 -8.91 21.85 10.39
N ALA F 204 -7.85 22.54 10.00
CA ALA F 204 -6.48 22.24 10.39
C ALA F 204 -6.08 22.84 11.73
N LEU F 205 -6.77 23.90 12.16
CA LEU F 205 -6.50 24.61 13.42
C LEU F 205 -6.77 23.77 14.64
N GLY F 206 -7.59 22.73 14.49
CA GLY F 206 -8.01 21.92 15.61
C GLY F 206 -9.22 22.54 16.29
N PRO F 207 -10.03 21.70 16.96
CA PRO F 207 -11.29 22.06 17.58
C PRO F 207 -11.11 22.94 18.80
N GLY F 208 -9.91 22.83 19.41
CA GLY F 208 -9.55 23.61 20.60
C GLY F 208 -9.49 25.12 20.43
N ALA F 209 -9.28 25.61 19.19
CA ALA F 209 -8.94 27.01 18.93
C ALA F 209 -9.89 28.07 19.53
N THR F 210 -9.37 29.21 20.02
CA THR F 210 -10.24 30.33 20.41
C THR F 210 -10.75 30.92 19.12
N LEU F 211 -11.91 31.57 19.15
CA LEU F 211 -12.34 32.39 18.03
C LEU F 211 -11.16 33.20 17.51
N GLU F 212 -10.61 34.00 18.43
CA GLU F 212 -9.33 34.68 18.29
C GLU F 212 -8.37 33.96 17.34
N GLU F 213 -7.95 32.77 17.74
CA GLU F 213 -7.00 32.02 16.96
C GLU F 213 -7.52 31.84 15.54
N MET F 214 -8.74 31.31 15.39
CA MET F 214 -9.33 31.10 14.05
C MET F 214 -9.28 32.35 13.18
N MET F 215 -9.64 33.47 13.79
CA MET F 215 -9.71 34.74 13.12
C MET F 215 -8.39 35.15 12.52
N THR F 216 -7.30 34.94 13.26
CA THR F 216 -5.96 35.10 12.72
C THR F 216 -5.79 34.15 11.54
N ALA F 217 -6.08 32.87 11.78
CA ALA F 217 -5.86 31.83 10.81
C ALA F 217 -6.47 32.22 9.48
N CYS F 218 -7.68 32.76 9.52
CA CYS F 218 -8.43 33.06 8.32
C CYS F 218 -8.39 34.50 7.86
N GLN F 219 -7.61 35.34 8.54
CA GLN F 219 -7.25 36.61 7.96
C GLN F 219 -6.15 36.38 6.93
N GLY F 220 -6.19 37.06 5.80
CA GLY F 220 -5.43 36.60 4.63
C GLY F 220 -3.91 36.75 4.67
N VAL F 221 -3.26 36.56 3.53
CA VAL F 221 -1.85 36.92 3.35
C VAL F 221 -1.72 38.16 2.44
#